data_1PUL
#
_entry.id   1PUL
#
_entity_poly.entity_id   1
_entity_poly.type   'polypeptide(L)'
_entity_poly.pdbx_seq_one_letter_code
;MGHHHHHHSHMAAAAGFNWDDADVKKRWDAFTKFGAATATEMTGKNFDKWLKDAGVLDNKAITGTMTGIAFSKVTGPKKK
ATFDETKKVLAFVAEDRARQSKKPIQDELDAITEKLAKLEAPSVG
;
_entity_poly.pdbx_strand_id   A
#
# COMPACT_ATOMS: atom_id res chain seq x y z
N ASN A 18 8.66 12.17 -4.77
CA ASN A 18 9.43 11.15 -5.49
C ASN A 18 10.26 10.30 -4.54
N TRP A 19 9.75 9.11 -4.23
CA TRP A 19 10.47 8.17 -3.41
C TRP A 19 11.61 7.52 -4.22
N ASP A 20 12.83 7.92 -3.91
CA ASP A 20 14.02 7.42 -4.61
C ASP A 20 14.25 5.95 -4.28
N ASP A 21 15.00 5.26 -5.15
CA ASP A 21 15.34 3.85 -4.94
C ASP A 21 15.77 3.58 -3.51
N ALA A 22 16.72 4.37 -3.05
CA ALA A 22 17.24 4.25 -1.71
C ALA A 22 16.25 4.80 -0.69
N ASP A 23 15.61 5.91 -1.05
CA ASP A 23 14.65 6.59 -0.19
C ASP A 23 13.50 5.68 0.22
N VAL A 24 13.03 4.85 -0.71
CA VAL A 24 11.97 3.87 -0.44
C VAL A 24 12.36 3.02 0.77
N LYS A 25 13.60 2.56 0.79
CA LYS A 25 14.11 1.77 1.90
C LYS A 25 14.22 2.63 3.15
N LYS A 26 14.70 3.86 2.97
CA LYS A 26 14.87 4.80 4.08
C LYS A 26 13.55 5.06 4.81
N ARG A 27 12.53 5.45 4.05
CA ARG A 27 11.24 5.79 4.63
C ARG A 27 10.57 4.56 5.25
N TRP A 28 10.71 3.41 4.60
CA TRP A 28 10.17 2.16 5.13
C TRP A 28 10.90 1.75 6.42
N ASP A 29 12.21 1.66 6.32
CA ASP A 29 13.07 1.21 7.42
C ASP A 29 12.87 2.04 8.69
N ALA A 30 12.77 3.36 8.52
CA ALA A 30 12.57 4.29 9.64
C ALA A 30 11.50 3.81 10.61
N PHE A 31 10.40 3.29 10.08
CA PHE A 31 9.28 2.84 10.89
C PHE A 31 9.71 1.76 11.89
N THR A 32 10.57 0.85 11.46
CA THR A 32 11.02 -0.24 12.33
C THR A 32 12.10 0.23 13.29
N LYS A 33 13.09 0.96 12.78
CA LYS A 33 14.20 1.44 13.60
C LYS A 33 13.70 2.26 14.79
N PHE A 34 12.91 3.27 14.50
CA PHE A 34 12.41 4.17 15.54
C PHE A 34 11.19 3.59 16.24
N GLY A 35 10.36 2.89 15.49
CA GLY A 35 9.09 2.45 16.02
C GLY A 35 8.07 3.55 15.90
N ALA A 36 7.95 4.09 14.70
CA ALA A 36 7.17 5.28 14.46
C ALA A 36 5.68 4.98 14.34
N ALA A 37 5.08 4.55 15.44
CA ALA A 37 3.65 4.35 15.49
C ALA A 37 2.98 5.71 15.57
N THR A 38 3.18 6.38 16.69
CA THR A 38 2.73 7.74 16.86
C THR A 38 3.93 8.68 16.83
N ALA A 39 4.43 8.86 15.63
CA ALA A 39 5.52 9.76 15.34
C ALA A 39 5.49 10.05 13.85
N THR A 40 4.82 11.13 13.49
CA THR A 40 4.45 11.39 12.11
C THR A 40 3.53 10.27 11.63
N GLU A 41 2.38 10.15 12.29
CA GLU A 41 1.40 9.13 11.94
C GLU A 41 0.46 9.67 10.86
N MET A 42 0.00 8.77 10.01
CA MET A 42 -0.89 9.16 8.92
C MET A 42 -2.18 8.37 9.03
N THR A 43 -3.28 9.09 9.18
CA THR A 43 -4.59 8.49 9.36
C THR A 43 -4.91 7.51 8.21
N GLY A 44 -5.78 6.55 8.49
CA GLY A 44 -6.20 5.60 7.46
C GLY A 44 -6.68 6.31 6.21
N LYS A 45 -7.36 7.44 6.41
CA LYS A 45 -7.81 8.28 5.30
C LYS A 45 -6.63 8.74 4.44
N ASN A 46 -5.52 9.06 5.10
CA ASN A 46 -4.34 9.59 4.43
C ASN A 46 -3.59 8.48 3.72
N PHE A 47 -3.57 7.31 4.34
CA PHE A 47 -2.94 6.14 3.74
C PHE A 47 -3.77 5.66 2.55
N ASP A 48 -5.09 5.70 2.73
CA ASP A 48 -6.04 5.39 1.67
C ASP A 48 -5.86 6.34 0.49
N LYS A 49 -5.42 7.56 0.82
CA LYS A 49 -5.19 8.60 -0.17
C LYS A 49 -3.94 8.25 -0.96
N TRP A 50 -2.90 7.84 -0.24
CA TRP A 50 -1.67 7.34 -0.85
C TRP A 50 -1.96 6.22 -1.84
N LEU A 51 -2.96 5.40 -1.52
CA LEU A 51 -3.30 4.26 -2.38
C LEU A 51 -4.14 4.69 -3.59
N LYS A 52 -5.19 5.45 -3.34
CA LYS A 52 -6.11 5.86 -4.40
C LYS A 52 -5.48 6.85 -5.37
N ASP A 53 -4.62 7.71 -4.85
CA ASP A 53 -4.01 8.72 -5.68
C ASP A 53 -2.90 8.11 -6.53
N ALA A 54 -2.32 7.03 -6.03
CA ALA A 54 -1.28 6.31 -6.76
C ALA A 54 -1.87 5.55 -7.95
N GLY A 55 -3.11 5.12 -7.80
CA GLY A 55 -3.79 4.41 -8.87
C GLY A 55 -3.71 2.91 -8.69
N VAL A 56 -3.15 2.48 -7.56
CA VAL A 56 -3.05 1.06 -7.26
C VAL A 56 -4.35 0.57 -6.64
N LEU A 57 -4.81 1.28 -5.63
CA LEU A 57 -6.07 0.97 -4.99
C LEU A 57 -7.08 2.03 -5.39
N ASP A 58 -7.81 1.77 -6.45
CA ASP A 58 -8.77 2.73 -6.97
C ASP A 58 -10.05 2.75 -6.14
N ASN A 59 -10.43 1.59 -5.61
CA ASN A 59 -11.67 1.46 -4.82
C ASN A 59 -12.87 1.82 -5.71
N LYS A 60 -12.69 1.60 -6.99
CA LYS A 60 -13.65 1.99 -8.00
C LYS A 60 -14.07 0.76 -8.80
N ALA A 61 -13.05 0.02 -9.23
CA ALA A 61 -13.25 -1.23 -9.96
C ALA A 61 -12.57 -2.38 -9.23
N ILE A 62 -11.62 -2.04 -8.36
CA ILE A 62 -10.88 -3.02 -7.57
C ILE A 62 -11.82 -3.76 -6.61
N THR A 63 -11.37 -4.88 -6.05
CA THR A 63 -12.22 -5.68 -5.17
C THR A 63 -12.35 -5.01 -3.81
N GLY A 64 -13.46 -5.29 -3.14
CA GLY A 64 -13.62 -4.86 -1.77
C GLY A 64 -13.07 -5.90 -0.81
N THR A 65 -13.00 -7.13 -1.31
CA THR A 65 -12.49 -8.26 -0.54
C THR A 65 -11.04 -8.04 -0.14
N MET A 66 -10.17 -7.86 -1.12
CA MET A 66 -8.75 -7.70 -0.88
C MET A 66 -8.46 -6.40 -0.15
N THR A 67 -9.06 -5.32 -0.61
CA THR A 67 -8.77 -4.00 -0.08
C THR A 67 -9.25 -3.83 1.36
N GLY A 68 -10.52 -4.17 1.61
CA GLY A 68 -11.10 -4.00 2.93
C GLY A 68 -10.41 -4.85 3.99
N ILE A 69 -10.21 -6.13 3.68
CA ILE A 69 -9.59 -7.05 4.61
C ILE A 69 -8.13 -6.67 4.85
N ALA A 70 -7.49 -6.09 3.84
CA ALA A 70 -6.12 -5.62 3.97
C ALA A 70 -6.00 -4.62 5.11
N PHE A 71 -6.78 -3.55 5.04
CA PHE A 71 -6.79 -2.52 6.08
C PHE A 71 -7.19 -3.12 7.43
N SER A 72 -8.21 -3.95 7.41
CA SER A 72 -8.72 -4.58 8.61
C SER A 72 -7.65 -5.44 9.29
N LYS A 73 -6.70 -5.94 8.50
CA LYS A 73 -5.67 -6.83 9.02
C LYS A 73 -4.41 -6.05 9.42
N VAL A 74 -3.96 -5.17 8.52
CA VAL A 74 -2.71 -4.44 8.73
C VAL A 74 -2.80 -3.45 9.90
N THR A 75 -3.73 -2.51 9.85
CA THR A 75 -3.81 -1.50 10.88
C THR A 75 -4.72 -1.96 12.01
N GLY A 76 -5.93 -2.33 11.68
CA GLY A 76 -6.93 -2.64 12.70
C GLY A 76 -7.85 -1.46 12.91
N PRO A 77 -7.48 -0.52 13.79
CA PRO A 77 -8.19 0.75 13.95
C PRO A 77 -8.00 1.67 12.74
N LYS A 78 -8.39 2.92 12.89
CA LYS A 78 -8.42 3.87 11.78
C LYS A 78 -7.16 4.74 11.76
N LYS A 79 -6.38 4.74 12.83
CA LYS A 79 -5.22 5.63 12.94
C LYS A 79 -4.12 5.30 11.94
N LYS A 80 -3.38 4.22 12.21
CA LYS A 80 -2.24 3.84 11.40
C LYS A 80 -1.61 2.58 12.00
N ALA A 81 -0.40 2.24 11.54
CA ALA A 81 0.33 1.10 12.07
C ALA A 81 1.83 1.36 11.97
N THR A 82 2.54 0.53 11.21
CA THR A 82 3.97 0.71 11.01
C THR A 82 4.47 -0.20 9.87
N PHE A 83 5.80 -0.33 9.77
CA PHE A 83 6.46 -0.99 8.62
C PHE A 83 5.80 -2.29 8.18
N ASP A 84 5.75 -3.27 9.07
CA ASP A 84 5.26 -4.61 8.69
C ASP A 84 3.84 -4.56 8.16
N GLU A 85 2.96 -3.95 8.92
CA GLU A 85 1.57 -3.75 8.51
C GLU A 85 1.50 -3.02 7.16
N THR A 86 2.40 -2.06 6.96
CA THR A 86 2.41 -1.30 5.71
C THR A 86 2.84 -2.18 4.53
N LYS A 87 3.85 -3.02 4.73
CA LYS A 87 4.31 -3.88 3.64
C LYS A 87 3.29 -4.99 3.37
N LYS A 88 2.52 -5.35 4.40
CA LYS A 88 1.45 -6.32 4.24
C LYS A 88 0.40 -5.81 3.27
N VAL A 89 -0.14 -4.63 3.58
CA VAL A 89 -1.25 -4.07 2.82
C VAL A 89 -0.82 -3.75 1.38
N LEU A 90 0.38 -3.20 1.22
CA LEU A 90 0.89 -2.90 -0.12
C LEU A 90 0.99 -4.18 -0.95
N ALA A 91 1.35 -5.28 -0.29
CA ALA A 91 1.43 -6.57 -0.95
C ALA A 91 0.05 -7.08 -1.32
N PHE A 92 -0.90 -6.96 -0.38
CA PHE A 92 -2.27 -7.42 -0.63
C PHE A 92 -2.91 -6.66 -1.78
N VAL A 93 -2.76 -5.35 -1.77
CA VAL A 93 -3.35 -4.50 -2.81
C VAL A 93 -2.73 -4.82 -4.18
N ALA A 94 -1.41 -4.96 -4.22
CA ALA A 94 -0.72 -5.32 -5.45
C ALA A 94 -1.14 -6.71 -5.92
N GLU A 95 -1.23 -7.64 -4.98
CA GLU A 95 -1.58 -9.01 -5.27
C GLU A 95 -2.97 -9.10 -5.88
N ASP A 96 -3.89 -8.25 -5.41
CA ASP A 96 -5.29 -8.24 -5.86
C ASP A 96 -5.43 -8.55 -7.35
N ARG A 97 -4.91 -7.67 -8.19
CA ARG A 97 -5.08 -7.83 -9.63
C ARG A 97 -3.88 -8.54 -10.27
N ALA A 98 -2.70 -8.38 -9.69
CA ALA A 98 -1.51 -9.04 -10.22
C ALA A 98 -1.66 -10.56 -10.20
N ARG A 99 -2.15 -11.06 -9.08
CA ARG A 99 -2.23 -12.50 -8.85
C ARG A 99 -3.35 -13.15 -9.68
N GLN A 100 -4.36 -12.36 -10.04
CA GLN A 100 -5.47 -12.87 -10.84
C GLN A 100 -5.00 -13.28 -12.23
N SER A 101 -4.24 -12.41 -12.87
CA SER A 101 -3.82 -12.64 -14.24
C SER A 101 -2.41 -13.25 -14.32
N LYS A 102 -1.45 -12.57 -13.70
CA LYS A 102 -0.06 -12.98 -13.82
C LYS A 102 0.33 -13.94 -12.71
N LYS A 103 -0.06 -13.57 -11.47
CA LYS A 103 0.12 -14.36 -10.23
C LYS A 103 1.24 -13.85 -9.31
N PRO A 104 2.50 -13.63 -9.79
CA PRO A 104 3.56 -13.04 -8.96
C PRO A 104 3.22 -11.63 -8.48
N ILE A 105 3.19 -11.47 -7.17
CA ILE A 105 2.85 -10.18 -6.55
C ILE A 105 4.00 -9.17 -6.70
N GLN A 106 5.23 -9.66 -6.54
CA GLN A 106 6.42 -8.80 -6.59
C GLN A 106 6.49 -8.01 -7.90
N ASP A 107 5.97 -8.62 -8.98
CA ASP A 107 5.95 -7.98 -10.29
C ASP A 107 5.21 -6.65 -10.25
N GLU A 108 4.02 -6.66 -9.66
CA GLU A 108 3.19 -5.47 -9.60
C GLU A 108 3.73 -4.49 -8.56
N LEU A 109 4.35 -5.00 -7.50
CA LEU A 109 4.97 -4.11 -6.53
C LEU A 109 6.08 -3.31 -7.20
N ASP A 110 6.94 -3.99 -7.95
CA ASP A 110 7.98 -3.32 -8.71
C ASP A 110 7.36 -2.34 -9.67
N ALA A 111 6.24 -2.73 -10.27
CA ALA A 111 5.50 -1.85 -11.16
C ALA A 111 5.04 -0.60 -10.42
N ILE A 112 4.38 -0.79 -9.28
CA ILE A 112 3.92 0.32 -8.44
C ILE A 112 5.07 1.28 -8.15
N THR A 113 6.16 0.72 -7.64
CA THR A 113 7.33 1.49 -7.27
C THR A 113 7.89 2.23 -8.49
N GLU A 114 7.92 1.53 -9.61
CA GLU A 114 8.42 2.08 -10.87
C GLU A 114 7.48 3.17 -11.42
N LYS A 115 6.17 2.93 -11.31
CA LYS A 115 5.16 3.88 -11.75
C LYS A 115 5.28 5.19 -10.97
N LEU A 116 5.18 5.09 -9.65
CA LEU A 116 5.18 6.27 -8.79
C LEU A 116 6.51 7.01 -8.80
N ALA A 117 7.55 6.33 -9.30
CA ALA A 117 8.87 6.94 -9.42
C ALA A 117 8.82 8.15 -10.35
N LYS A 118 8.02 8.04 -11.41
CA LYS A 118 7.85 9.14 -12.35
C LYS A 118 6.50 9.83 -12.11
N LEU A 119 5.61 9.15 -11.41
CA LEU A 119 4.25 9.65 -11.21
C LEU A 119 4.21 10.60 -10.02
N GLU A 120 5.40 11.07 -9.62
CA GLU A 120 5.58 12.01 -8.52
C GLU A 120 4.73 11.64 -7.30
N ASN A 18 4.95 11.08 -5.86
CA ASN A 18 5.46 9.78 -6.27
C ASN A 18 6.91 9.64 -5.82
N TRP A 19 7.09 8.94 -4.72
CA TRP A 19 8.41 8.61 -4.22
C TRP A 19 9.26 7.87 -5.25
N ASP A 20 10.58 8.08 -5.18
CA ASP A 20 11.51 7.48 -6.13
C ASP A 20 11.81 6.03 -5.77
N ASP A 21 12.14 5.22 -6.78
CA ASP A 21 12.47 3.80 -6.60
C ASP A 21 13.41 3.58 -5.43
N ALA A 22 14.52 4.30 -5.45
CA ALA A 22 15.55 4.14 -4.45
C ALA A 22 15.07 4.63 -3.09
N ASP A 23 14.34 5.74 -3.11
CA ASP A 23 13.82 6.34 -1.90
C ASP A 23 12.83 5.41 -1.20
N VAL A 24 12.01 4.71 -1.97
CA VAL A 24 11.00 3.79 -1.43
C VAL A 24 11.61 2.79 -0.44
N LYS A 25 12.62 2.06 -0.90
CA LYS A 25 13.24 1.02 -0.10
C LYS A 25 13.90 1.60 1.15
N LYS A 26 14.54 2.74 0.98
CA LYS A 26 15.19 3.43 2.08
C LYS A 26 14.15 3.99 3.05
N ARG A 27 13.08 4.53 2.49
CA ARG A 27 11.97 5.08 3.25
C ARG A 27 11.43 4.05 4.24
N TRP A 28 11.24 2.83 3.76
CA TRP A 28 10.79 1.72 4.59
C TRP A 28 11.81 1.42 5.68
N ASP A 29 13.07 1.34 5.28
CA ASP A 29 14.18 1.08 6.20
C ASP A 29 14.24 2.13 7.31
N ALA A 30 14.09 3.39 6.91
CA ALA A 30 14.15 4.51 7.85
C ALA A 30 13.12 4.37 8.97
N PHE A 31 11.86 4.13 8.59
CA PHE A 31 10.79 4.00 9.57
C PHE A 31 10.99 2.79 10.46
N THR A 32 11.64 1.77 9.92
CA THR A 32 11.89 0.54 10.66
C THR A 32 13.06 0.72 11.64
N LYS A 33 14.09 1.41 11.17
CA LYS A 33 15.32 1.57 11.96
C LYS A 33 15.14 2.62 13.06
N PHE A 34 14.52 3.74 12.71
CA PHE A 34 14.39 4.85 13.62
C PHE A 34 13.11 4.73 14.46
N GLY A 35 12.59 5.88 14.88
CA GLY A 35 11.43 5.92 15.74
C GLY A 35 10.24 6.51 15.01
N ALA A 36 9.58 5.68 14.24
CA ALA A 36 8.39 6.09 13.50
C ALA A 36 7.19 6.24 14.44
N ALA A 37 7.25 7.27 15.27
CA ALA A 37 6.21 7.53 16.25
C ALA A 37 4.93 8.01 15.57
N THR A 38 5.09 8.81 14.53
CA THR A 38 3.95 9.33 13.79
C THR A 38 3.32 8.24 12.94
N ALA A 39 4.12 7.22 12.62
CA ALA A 39 3.63 6.06 11.89
C ALA A 39 3.04 5.05 12.85
N THR A 40 2.29 5.56 13.81
CA THR A 40 1.62 4.75 14.79
C THR A 40 0.37 4.12 14.17
N GLU A 41 -0.16 4.80 13.17
CA GLU A 41 -1.31 4.33 12.41
C GLU A 41 -1.50 5.27 11.22
N MET A 42 -2.00 4.75 10.10
CA MET A 42 -2.16 5.58 8.93
C MET A 42 -3.63 5.95 8.70
N THR A 43 -3.88 7.21 8.36
CA THR A 43 -5.23 7.67 8.09
C THR A 43 -5.75 7.08 6.79
N GLY A 44 -6.89 6.40 6.87
CA GLY A 44 -7.43 5.69 5.73
C GLY A 44 -7.62 6.56 4.51
N LYS A 45 -8.40 7.63 4.66
CA LYS A 45 -8.79 8.46 3.51
C LYS A 45 -7.55 9.07 2.84
N ASN A 46 -6.59 9.50 3.64
CA ASN A 46 -5.36 10.09 3.12
C ASN A 46 -4.54 9.02 2.41
N PHE A 47 -4.61 7.81 2.93
CA PHE A 47 -3.90 6.68 2.35
C PHE A 47 -4.55 6.27 1.02
N ASP A 48 -5.89 6.37 0.98
CA ASP A 48 -6.64 6.14 -0.26
C ASP A 48 -6.14 7.05 -1.36
N LYS A 49 -5.86 8.30 -1.01
CA LYS A 49 -5.43 9.28 -1.98
C LYS A 49 -3.99 9.03 -2.36
N TRP A 50 -3.17 8.79 -1.34
CA TRP A 50 -1.77 8.43 -1.56
C TRP A 50 -1.66 7.21 -2.47
N LEU A 51 -2.57 6.26 -2.29
CA LEU A 51 -2.57 5.05 -3.09
C LEU A 51 -3.09 5.31 -4.49
N LYS A 52 -4.08 6.19 -4.58
CA LYS A 52 -4.68 6.54 -5.86
C LYS A 52 -3.75 7.38 -6.71
N ASP A 53 -3.09 8.35 -6.06
CA ASP A 53 -2.18 9.26 -6.76
C ASP A 53 -0.99 8.47 -7.31
N ALA A 54 -0.43 7.60 -6.47
CA ALA A 54 0.65 6.72 -6.88
C ALA A 54 0.20 5.83 -8.05
N GLY A 55 -1.09 5.54 -8.10
CA GLY A 55 -1.64 4.77 -9.19
C GLY A 55 -1.76 3.30 -8.85
N VAL A 56 -1.71 2.99 -7.56
CA VAL A 56 -1.80 1.61 -7.11
C VAL A 56 -3.24 1.26 -6.75
N LEU A 57 -3.95 2.23 -6.18
CA LEU A 57 -5.34 2.03 -5.81
C LEU A 57 -6.24 2.35 -6.99
N ASP A 58 -6.62 1.30 -7.69
CA ASP A 58 -7.47 1.41 -8.88
C ASP A 58 -8.93 1.62 -8.48
N ASN A 59 -9.45 0.68 -7.69
CA ASN A 59 -10.83 0.75 -7.15
C ASN A 59 -11.90 0.69 -8.22
N LYS A 60 -11.51 0.40 -9.45
CA LYS A 60 -12.47 0.19 -10.52
C LYS A 60 -12.60 -1.30 -10.79
N ALA A 61 -11.46 -1.95 -10.94
CA ALA A 61 -11.41 -3.41 -11.04
C ALA A 61 -11.17 -4.00 -9.65
N ILE A 62 -10.83 -3.12 -8.72
CA ILE A 62 -10.61 -3.50 -7.33
C ILE A 62 -11.80 -3.06 -6.49
N THR A 63 -12.47 -4.01 -5.85
CA THR A 63 -13.67 -3.68 -5.09
C THR A 63 -13.50 -3.92 -3.60
N GLY A 64 -14.59 -3.66 -2.87
CA GLY A 64 -14.58 -3.72 -1.42
C GLY A 64 -14.03 -5.02 -0.86
N THR A 65 -14.18 -6.12 -1.59
CA THR A 65 -13.71 -7.41 -1.11
C THR A 65 -12.18 -7.48 -1.09
N MET A 66 -11.52 -6.84 -2.06
CA MET A 66 -10.06 -6.84 -2.11
C MET A 66 -9.52 -5.90 -1.03
N THR A 67 -9.93 -4.64 -1.11
CA THR A 67 -9.47 -3.61 -0.20
C THR A 67 -9.89 -3.92 1.25
N GLY A 68 -11.08 -4.46 1.42
CA GLY A 68 -11.58 -4.79 2.75
C GLY A 68 -10.76 -5.86 3.43
N ILE A 69 -10.46 -6.94 2.71
CA ILE A 69 -9.64 -8.02 3.25
C ILE A 69 -8.25 -7.51 3.60
N ALA A 70 -7.67 -6.72 2.70
CA ALA A 70 -6.36 -6.13 2.91
C ALA A 70 -6.37 -5.29 4.19
N PHE A 71 -7.36 -4.41 4.31
CA PHE A 71 -7.49 -3.54 5.47
C PHE A 71 -7.62 -4.37 6.75
N SER A 72 -8.44 -5.40 6.71
CA SER A 72 -8.67 -6.26 7.87
C SER A 72 -7.38 -6.89 8.37
N LYS A 73 -6.44 -7.14 7.46
CA LYS A 73 -5.16 -7.74 7.81
C LYS A 73 -4.16 -6.69 8.32
N VAL A 74 -4.16 -5.52 7.70
CA VAL A 74 -3.21 -4.47 8.04
C VAL A 74 -3.55 -3.82 9.38
N THR A 75 -4.82 -3.87 9.78
CA THR A 75 -5.23 -3.24 11.01
C THR A 75 -6.03 -4.17 11.92
N GLY A 76 -7.33 -4.22 11.69
CA GLY A 76 -8.22 -4.98 12.56
C GLY A 76 -8.99 -4.06 13.48
N PRO A 77 -8.56 -3.93 14.74
CA PRO A 77 -9.17 -3.01 15.70
C PRO A 77 -8.68 -1.58 15.52
N LYS A 78 -9.12 -0.69 16.40
CA LYS A 78 -8.69 0.71 16.35
C LYS A 78 -7.22 0.82 16.72
N LYS A 79 -6.72 -0.18 17.44
CA LYS A 79 -5.30 -0.27 17.74
C LYS A 79 -4.48 -0.26 16.45
N LYS A 80 -5.04 -0.91 15.42
CA LYS A 80 -4.41 -0.96 14.09
C LYS A 80 -3.01 -1.54 14.19
N ALA A 81 -2.12 -1.17 13.29
CA ALA A 81 -0.78 -1.72 13.33
C ALA A 81 0.28 -0.65 13.57
N THR A 82 0.86 -0.15 12.48
CA THR A 82 1.98 0.79 12.52
C THR A 82 2.63 0.82 11.12
N PHE A 83 3.95 0.86 11.05
CA PHE A 83 4.65 0.77 9.77
C PHE A 83 4.27 -0.54 9.05
N ASP A 84 4.06 -1.60 9.84
CA ASP A 84 3.61 -2.89 9.32
C ASP A 84 2.33 -2.70 8.49
N GLU A 85 1.39 -2.00 9.10
CA GLU A 85 0.13 -1.63 8.46
C GLU A 85 0.36 -1.12 7.04
N THR A 86 1.22 -0.13 6.91
CA THR A 86 1.52 0.51 5.64
C THR A 86 2.10 -0.49 4.63
N LYS A 87 3.15 -1.20 5.02
CA LYS A 87 3.83 -2.12 4.11
C LYS A 87 2.93 -3.31 3.76
N LYS A 88 2.05 -3.68 4.68
CA LYS A 88 1.11 -4.75 4.42
C LYS A 88 0.13 -4.38 3.31
N VAL A 89 -0.41 -3.16 3.38
CA VAL A 89 -1.39 -2.70 2.39
C VAL A 89 -0.79 -2.75 0.99
N LEU A 90 0.40 -2.17 0.84
CA LEU A 90 1.06 -2.13 -0.47
C LEU A 90 1.27 -3.54 -1.01
N ALA A 91 1.57 -4.47 -0.12
CA ALA A 91 1.80 -5.85 -0.52
C ALA A 91 0.51 -6.52 -0.98
N PHE A 92 -0.59 -6.24 -0.28
CA PHE A 92 -1.87 -6.89 -0.58
C PHE A 92 -2.52 -6.32 -1.83
N VAL A 93 -2.45 -5.01 -2.02
CA VAL A 93 -3.03 -4.38 -3.20
C VAL A 93 -2.30 -4.86 -4.47
N ALA A 94 -0.96 -4.88 -4.40
CA ALA A 94 -0.16 -5.38 -5.50
C ALA A 94 -0.40 -6.88 -5.70
N GLU A 95 -0.51 -7.61 -4.59
CA GLU A 95 -0.81 -9.04 -4.62
C GLU A 95 -2.03 -9.31 -5.51
N ASP A 96 -3.17 -8.73 -5.14
CA ASP A 96 -4.41 -8.94 -5.88
C ASP A 96 -4.29 -8.55 -7.35
N ARG A 97 -3.62 -7.42 -7.60
CA ARG A 97 -3.49 -6.91 -8.95
C ARG A 97 -2.67 -7.85 -9.83
N ALA A 98 -1.50 -8.23 -9.33
CA ALA A 98 -0.61 -9.11 -10.06
C ALA A 98 -1.18 -10.52 -10.13
N ARG A 99 -1.86 -10.93 -9.06
CA ARG A 99 -2.45 -12.26 -8.96
C ARG A 99 -3.46 -12.49 -10.07
N GLN A 100 -4.23 -11.46 -10.38
CA GLN A 100 -5.23 -11.55 -11.44
C GLN A 100 -4.61 -11.23 -12.81
N SER A 101 -3.48 -10.55 -12.79
CA SER A 101 -2.80 -10.18 -14.03
C SER A 101 -1.98 -11.36 -14.56
N LYS A 102 -0.83 -11.62 -13.94
CA LYS A 102 0.01 -12.75 -14.32
C LYS A 102 -0.20 -13.90 -13.33
N LYS A 103 0.41 -13.71 -12.15
CA LYS A 103 0.33 -14.64 -11.03
C LYS A 103 1.30 -14.17 -9.93
N PRO A 104 2.60 -13.96 -10.25
CA PRO A 104 3.57 -13.44 -9.28
C PRO A 104 3.34 -11.96 -8.98
N ILE A 105 3.36 -11.62 -7.70
CA ILE A 105 3.11 -10.27 -7.26
C ILE A 105 4.32 -9.37 -7.53
N GLN A 106 5.52 -9.92 -7.33
CA GLN A 106 6.77 -9.20 -7.54
C GLN A 106 6.81 -8.55 -8.93
N ASP A 107 6.10 -9.15 -9.88
CA ASP A 107 5.99 -8.62 -11.24
C ASP A 107 5.38 -7.23 -11.22
N GLU A 108 4.19 -7.12 -10.63
CA GLU A 108 3.47 -5.86 -10.59
C GLU A 108 4.21 -4.84 -9.73
N LEU A 109 4.91 -5.34 -8.70
CA LEU A 109 5.73 -4.48 -7.85
C LEU A 109 6.71 -3.68 -8.68
N ASP A 110 7.45 -4.37 -9.54
CA ASP A 110 8.48 -3.74 -10.37
C ASP A 110 7.86 -2.82 -11.42
N ALA A 111 6.63 -3.11 -11.82
CA ALA A 111 5.91 -2.23 -12.73
C ALA A 111 5.54 -0.93 -12.00
N ILE A 112 5.06 -1.07 -10.78
CA ILE A 112 4.72 0.08 -9.94
C ILE A 112 5.99 0.88 -9.61
N THR A 113 7.00 0.18 -9.13
CA THR A 113 8.25 0.78 -8.71
C THR A 113 8.92 1.58 -9.83
N GLU A 114 8.91 1.01 -11.04
CA GLU A 114 9.51 1.66 -12.20
C GLU A 114 8.75 2.95 -12.54
N LYS A 115 7.43 2.85 -12.54
CA LYS A 115 6.59 3.97 -12.97
C LYS A 115 6.86 5.19 -12.12
N LEU A 116 6.89 5.00 -10.80
CA LEU A 116 7.15 6.08 -9.86
C LEU A 116 8.50 6.73 -10.12
N ALA A 117 9.53 5.90 -10.23
CA ALA A 117 10.89 6.36 -10.41
C ALA A 117 11.04 7.23 -11.64
N LYS A 118 10.33 6.86 -12.70
CA LYS A 118 10.40 7.58 -13.97
C LYS A 118 9.37 8.69 -14.05
N LEU A 119 8.41 8.69 -13.13
CA LEU A 119 7.24 9.57 -13.21
C LEU A 119 7.55 11.02 -12.84
N GLU A 120 8.84 11.40 -12.86
CA GLU A 120 9.26 12.72 -12.42
C GLU A 120 8.87 12.94 -10.97
N ASN A 18 7.72 13.72 -4.54
CA ASN A 18 7.80 12.39 -5.14
C ASN A 18 8.85 11.57 -4.42
N TRP A 19 8.41 10.62 -3.63
CA TRP A 19 9.32 9.70 -2.95
C TRP A 19 10.13 8.90 -3.98
N ASP A 20 11.45 8.91 -3.80
CA ASP A 20 12.36 8.31 -4.77
C ASP A 20 12.76 6.89 -4.35
N ASP A 21 13.35 6.14 -5.27
CA ASP A 21 13.79 4.75 -5.07
C ASP A 21 14.32 4.51 -3.64
N ALA A 22 15.38 5.22 -3.30
CA ALA A 22 15.99 5.07 -1.98
C ALA A 22 15.14 5.73 -0.91
N ASP A 23 14.58 6.89 -1.24
CA ASP A 23 13.76 7.68 -0.32
C ASP A 23 12.57 6.86 0.22
N VAL A 24 11.98 6.05 -0.65
CA VAL A 24 10.85 5.19 -0.28
C VAL A 24 11.23 4.26 0.87
N LYS A 25 12.24 3.43 0.65
CA LYS A 25 12.61 2.40 1.61
C LYS A 25 13.18 2.97 2.90
N LYS A 26 13.71 4.19 2.84
CA LYS A 26 14.19 4.87 4.04
C LYS A 26 13.12 4.91 5.13
N ARG A 27 11.89 5.25 4.73
CA ARG A 27 10.79 5.32 5.67
C ARG A 27 10.35 3.93 6.10
N TRP A 28 10.30 3.02 5.15
CA TRP A 28 9.97 1.62 5.42
C TRP A 28 10.96 1.02 6.41
N ASP A 29 12.24 1.36 6.23
CA ASP A 29 13.30 0.89 7.11
C ASP A 29 13.10 1.43 8.52
N ALA A 30 12.79 2.72 8.63
CA ALA A 30 12.57 3.34 9.94
C ALA A 30 11.45 2.64 10.70
N PHE A 31 10.31 2.45 10.05
CA PHE A 31 9.16 1.78 10.66
C PHE A 31 9.43 0.30 10.91
N THR A 32 10.47 -0.26 10.31
CA THR A 32 10.82 -1.66 10.54
C THR A 32 11.90 -1.79 11.61
N LYS A 33 12.99 -1.05 11.43
CA LYS A 33 14.14 -1.11 12.32
C LYS A 33 13.78 -0.60 13.72
N PHE A 34 13.22 0.59 13.76
CA PHE A 34 12.83 1.22 15.00
C PHE A 34 11.41 0.82 15.38
N GLY A 35 10.59 0.65 14.36
CA GLY A 35 9.16 0.48 14.55
C GLY A 35 8.44 1.69 14.03
N ALA A 36 9.17 2.81 14.08
CA ALA A 36 8.75 4.09 13.55
C ALA A 36 9.77 5.12 13.99
N ALA A 37 10.26 5.91 13.04
CA ALA A 37 11.33 6.87 13.32
C ALA A 37 10.98 7.76 14.50
N THR A 38 9.87 8.46 14.40
CA THR A 38 9.44 9.36 15.47
C THR A 38 7.94 9.62 15.35
N ALA A 39 7.24 8.74 14.67
CA ALA A 39 5.84 8.96 14.33
C ALA A 39 4.97 7.77 14.74
N THR A 40 4.23 7.93 15.83
CA THR A 40 3.24 6.94 16.23
C THR A 40 1.87 7.38 15.73
N GLU A 41 1.83 8.54 15.09
CA GLU A 41 0.60 9.09 14.56
C GLU A 41 0.51 8.82 13.05
N MET A 42 -0.18 7.74 12.70
CA MET A 42 -0.38 7.39 11.31
C MET A 42 -1.87 7.38 10.99
N THR A 43 -2.36 8.48 10.44
CA THR A 43 -3.78 8.62 10.16
C THR A 43 -4.19 7.77 8.95
N GLY A 44 -5.18 6.91 9.17
CA GLY A 44 -5.59 5.98 8.14
C GLY A 44 -6.32 6.66 7.01
N LYS A 45 -6.90 7.83 7.25
CA LYS A 45 -7.56 8.58 6.21
C LYS A 45 -6.54 9.11 5.21
N ASN A 46 -5.39 9.53 5.73
CA ASN A 46 -4.31 10.01 4.87
C ASN A 46 -3.74 8.83 4.09
N PHE A 47 -3.65 7.69 4.76
CA PHE A 47 -3.18 6.46 4.13
C PHE A 47 -4.16 6.01 3.05
N ASP A 48 -5.46 6.13 3.34
CA ASP A 48 -6.51 5.82 2.37
C ASP A 48 -6.35 6.69 1.13
N LYS A 49 -5.97 7.93 1.35
CA LYS A 49 -5.79 8.90 0.27
C LYS A 49 -4.50 8.59 -0.48
N TRP A 50 -3.44 8.34 0.28
CA TRP A 50 -2.15 7.93 -0.28
C TRP A 50 -2.34 6.74 -1.21
N LEU A 51 -3.31 5.90 -0.91
CA LEU A 51 -3.57 4.72 -1.72
C LEU A 51 -4.61 4.97 -2.81
N LYS A 52 -5.61 5.79 -2.48
CA LYS A 52 -6.69 6.08 -3.41
C LYS A 52 -6.22 7.00 -4.54
N ASP A 53 -5.48 8.03 -4.16
CA ASP A 53 -4.94 8.98 -5.14
C ASP A 53 -3.96 8.28 -6.07
N ALA A 54 -3.25 7.30 -5.52
CA ALA A 54 -2.30 6.51 -6.29
C ALA A 54 -3.02 5.62 -7.30
N GLY A 55 -4.24 5.22 -6.96
CA GLY A 55 -5.03 4.39 -7.86
C GLY A 55 -4.97 2.93 -7.51
N VAL A 56 -4.17 2.60 -6.49
CA VAL A 56 -4.02 1.23 -6.05
C VAL A 56 -5.24 0.82 -5.24
N LEU A 57 -5.66 1.71 -4.36
CA LEU A 57 -6.88 1.51 -3.60
C LEU A 57 -7.93 2.48 -4.11
N ASP A 58 -8.60 2.10 -5.19
CA ASP A 58 -9.62 2.94 -5.80
C ASP A 58 -10.68 3.35 -4.78
N ASN A 59 -11.06 2.40 -3.92
CA ASN A 59 -11.94 2.67 -2.76
C ASN A 59 -13.38 2.97 -3.19
N LYS A 60 -13.60 3.08 -4.48
CA LYS A 60 -14.93 3.37 -5.01
C LYS A 60 -15.48 2.15 -5.74
N ALA A 61 -14.70 1.66 -6.70
CA ALA A 61 -15.09 0.51 -7.50
C ALA A 61 -14.28 -0.74 -7.11
N ILE A 62 -13.72 -0.72 -5.91
CA ILE A 62 -12.97 -1.86 -5.40
C ILE A 62 -13.91 -2.79 -4.64
N THR A 63 -13.86 -4.04 -5.02
CA THR A 63 -14.70 -5.08 -4.47
C THR A 63 -14.46 -5.25 -2.96
N GLY A 64 -15.53 -5.55 -2.23
CA GLY A 64 -15.45 -5.74 -0.80
C GLY A 64 -14.52 -6.88 -0.42
N THR A 65 -14.34 -7.83 -1.34
CA THR A 65 -13.44 -8.95 -1.14
C THR A 65 -12.02 -8.45 -0.83
N MET A 66 -11.61 -7.40 -1.52
CA MET A 66 -10.27 -6.85 -1.36
C MET A 66 -10.24 -5.85 -0.21
N THR A 67 -11.05 -4.80 -0.30
CA THR A 67 -11.01 -3.71 0.67
C THR A 67 -11.48 -4.17 2.05
N GLY A 68 -12.58 -4.93 2.09
CA GLY A 68 -13.14 -5.34 3.35
C GLY A 68 -12.21 -6.23 4.15
N ILE A 69 -11.68 -7.25 3.50
CA ILE A 69 -10.79 -8.18 4.17
C ILE A 69 -9.46 -7.51 4.53
N ALA A 70 -8.95 -6.68 3.61
CA ALA A 70 -7.70 -5.96 3.84
C ALA A 70 -7.75 -5.16 5.13
N PHE A 71 -8.75 -4.27 5.22
CA PHE A 71 -8.90 -3.44 6.39
C PHE A 71 -9.15 -4.27 7.64
N SER A 72 -10.00 -5.28 7.55
CA SER A 72 -10.29 -6.14 8.70
C SER A 72 -9.01 -6.79 9.24
N LYS A 73 -8.01 -6.99 8.38
CA LYS A 73 -6.75 -7.60 8.80
C LYS A 73 -5.81 -6.56 9.41
N VAL A 74 -5.91 -5.32 8.98
CA VAL A 74 -4.99 -4.27 9.42
C VAL A 74 -5.61 -3.40 10.52
N THR A 75 -6.88 -3.09 10.37
CA THR A 75 -7.65 -2.27 11.30
C THR A 75 -9.04 -2.02 10.72
N GLY A 76 -10.05 -2.62 11.35
CA GLY A 76 -11.43 -2.43 10.92
C GLY A 76 -11.76 -0.97 10.65
N PRO A 77 -11.67 -0.09 11.65
CA PRO A 77 -11.83 1.35 11.45
C PRO A 77 -10.63 1.96 10.72
N LYS A 78 -10.91 2.81 9.74
CA LYS A 78 -9.87 3.47 8.96
C LYS A 78 -9.12 4.51 9.78
N LYS A 79 -9.64 4.83 10.96
CA LYS A 79 -9.08 5.87 11.86
C LYS A 79 -7.55 5.92 11.82
N LYS A 80 -6.90 4.88 12.33
CA LYS A 80 -5.45 4.81 12.37
C LYS A 80 -5.00 3.47 12.89
N ALA A 81 -3.77 3.08 12.57
CA ALA A 81 -3.18 1.86 13.11
C ALA A 81 -1.68 2.01 13.33
N THR A 82 -0.89 1.62 12.33
CA THR A 82 0.57 1.59 12.46
C THR A 82 1.20 0.92 11.23
N PHE A 83 2.52 0.75 11.25
CA PHE A 83 3.24 0.15 10.13
C PHE A 83 2.80 -1.30 9.91
N ASP A 84 2.44 -1.98 11.00
CA ASP A 84 1.91 -3.34 10.90
C ASP A 84 0.73 -3.38 9.94
N GLU A 85 -0.13 -2.37 10.08
CA GLU A 85 -1.22 -2.13 9.15
C GLU A 85 -0.66 -1.90 7.74
N THR A 86 0.14 -0.86 7.62
CA THR A 86 0.68 -0.42 6.34
C THR A 86 1.33 -1.55 5.54
N LYS A 87 2.18 -2.34 6.19
CA LYS A 87 2.89 -3.43 5.52
C LYS A 87 1.89 -4.49 5.07
N LYS A 88 0.86 -4.73 5.86
CA LYS A 88 -0.15 -5.71 5.49
C LYS A 88 -1.06 -5.18 4.40
N VAL A 89 -1.46 -3.91 4.49
CA VAL A 89 -2.34 -3.30 3.51
C VAL A 89 -1.72 -3.36 2.12
N LEU A 90 -0.51 -2.83 1.99
CA LEU A 90 0.18 -2.78 0.71
C LEU A 90 0.40 -4.17 0.14
N ALA A 91 0.84 -5.09 0.99
CA ALA A 91 1.13 -6.45 0.54
C ALA A 91 -0.15 -7.20 0.16
N PHE A 92 -1.24 -6.93 0.88
CA PHE A 92 -2.50 -7.60 0.62
C PHE A 92 -3.12 -7.11 -0.68
N VAL A 93 -3.23 -5.80 -0.83
CA VAL A 93 -3.85 -5.20 -2.01
C VAL A 93 -3.09 -5.59 -3.28
N ALA A 94 -1.75 -5.49 -3.21
CA ALA A 94 -0.91 -5.88 -4.32
C ALA A 94 -1.07 -7.37 -4.63
N GLU A 95 -1.15 -8.17 -3.57
CA GLU A 95 -1.24 -9.61 -3.70
C GLU A 95 -2.44 -10.03 -4.52
N ASP A 96 -3.64 -9.83 -3.96
CA ASP A 96 -4.86 -10.37 -4.56
C ASP A 96 -5.13 -9.76 -5.92
N ARG A 97 -4.77 -8.49 -6.10
CA ARG A 97 -4.92 -7.81 -7.37
C ARG A 97 -4.20 -8.57 -8.48
N ALA A 98 -2.94 -8.90 -8.23
CA ALA A 98 -2.16 -9.68 -9.17
C ALA A 98 -2.58 -11.13 -9.13
N ARG A 99 -2.78 -11.64 -7.92
CA ARG A 99 -3.15 -13.03 -7.67
C ARG A 99 -4.27 -13.51 -8.60
N GLN A 100 -5.33 -12.73 -8.70
CA GLN A 100 -6.48 -13.11 -9.50
C GLN A 100 -6.19 -12.97 -10.99
N SER A 101 -5.50 -11.90 -11.36
CA SER A 101 -5.33 -11.53 -12.76
C SER A 101 -4.04 -12.11 -13.37
N LYS A 102 -2.91 -11.72 -12.80
CA LYS A 102 -1.60 -12.01 -13.37
C LYS A 102 -0.97 -13.25 -12.76
N LYS A 103 -1.11 -13.37 -11.42
CA LYS A 103 -0.49 -14.40 -10.57
C LYS A 103 0.72 -13.84 -9.79
N PRO A 104 1.83 -13.41 -10.45
CA PRO A 104 2.99 -12.88 -9.73
C PRO A 104 2.71 -11.55 -9.02
N ILE A 105 2.65 -11.61 -7.70
CA ILE A 105 2.43 -10.42 -6.89
C ILE A 105 3.63 -9.49 -6.96
N GLN A 106 4.83 -10.05 -6.94
CA GLN A 106 6.05 -9.26 -6.95
C GLN A 106 6.10 -8.32 -8.16
N ASP A 107 5.65 -8.82 -9.31
CA ASP A 107 5.62 -8.01 -10.52
C ASP A 107 4.63 -6.87 -10.39
N GLU A 108 3.48 -7.16 -9.77
CA GLU A 108 2.46 -6.15 -9.56
C GLU A 108 2.99 -5.05 -8.65
N LEU A 109 3.65 -5.45 -7.56
CA LEU A 109 4.20 -4.48 -6.63
C LEU A 109 5.26 -3.63 -7.32
N ASP A 110 6.08 -4.28 -8.14
CA ASP A 110 7.11 -3.57 -8.89
C ASP A 110 6.47 -2.56 -9.84
N ALA A 111 5.36 -2.97 -10.46
CA ALA A 111 4.58 -2.09 -11.31
C ALA A 111 4.04 -0.90 -10.52
N ILE A 112 3.51 -1.19 -9.33
CA ILE A 112 3.03 -0.15 -8.42
C ILE A 112 4.16 0.81 -8.06
N THR A 113 5.30 0.23 -7.66
CA THR A 113 6.44 1.01 -7.21
C THR A 113 6.92 1.99 -8.28
N GLU A 114 7.08 1.53 -9.51
CA GLU A 114 7.50 2.39 -10.61
C GLU A 114 6.39 3.36 -11.00
N LYS A 115 5.16 2.88 -10.99
CA LYS A 115 4.00 3.69 -11.35
C LYS A 115 3.88 4.91 -10.43
N LEU A 116 4.10 4.68 -9.14
CA LEU A 116 4.04 5.76 -8.15
C LEU A 116 5.06 6.84 -8.45
N ALA A 117 6.23 6.44 -8.91
CA ALA A 117 7.28 7.37 -9.32
C ALA A 117 6.80 8.24 -10.48
N LYS A 118 6.04 7.63 -11.37
CA LYS A 118 5.48 8.33 -12.51
C LYS A 118 4.24 9.12 -12.12
N LEU A 119 3.65 8.79 -10.97
CA LEU A 119 2.45 9.47 -10.50
C LEU A 119 2.79 10.54 -9.48
N GLU A 120 4.08 10.91 -9.43
CA GLU A 120 4.60 11.94 -8.53
C GLU A 120 3.88 11.98 -7.18
N ASN A 18 3.68 11.52 -5.36
CA ASN A 18 4.66 10.59 -5.89
C ASN A 18 5.94 10.75 -5.09
N TRP A 19 6.16 9.79 -4.22
CA TRP A 19 7.33 9.78 -3.34
C TRP A 19 8.65 9.96 -4.08
N ASP A 20 9.59 10.65 -3.43
CA ASP A 20 10.93 10.85 -3.97
C ASP A 20 11.63 9.52 -4.17
N ASP A 21 12.50 9.46 -5.18
CA ASP A 21 13.29 8.27 -5.47
C ASP A 21 13.97 7.74 -4.22
N ALA A 22 14.59 8.67 -3.51
CA ALA A 22 15.30 8.37 -2.29
C ALA A 22 14.34 8.12 -1.13
N ASP A 23 13.27 8.90 -1.09
CA ASP A 23 12.30 8.83 0.02
C ASP A 23 11.66 7.46 0.12
N VAL A 24 11.35 6.85 -1.03
CA VAL A 24 10.74 5.52 -1.07
C VAL A 24 11.48 4.56 -0.16
N LYS A 25 12.77 4.36 -0.44
CA LYS A 25 13.57 3.43 0.31
C LYS A 25 13.73 3.89 1.75
N LYS A 26 14.03 5.17 1.93
CA LYS A 26 14.24 5.73 3.26
C LYS A 26 13.04 5.44 4.18
N ARG A 27 11.85 5.61 3.63
CA ARG A 27 10.62 5.43 4.39
C ARG A 27 10.27 3.95 4.53
N TRP A 28 10.31 3.20 3.42
CA TRP A 28 10.02 1.77 3.45
C TRP A 28 10.97 1.02 4.37
N ASP A 29 12.26 1.36 4.25
CA ASP A 29 13.30 0.71 5.03
C ASP A 29 13.13 1.01 6.51
N ALA A 30 12.84 2.27 6.82
CA ALA A 30 12.61 2.70 8.19
C ALA A 30 11.52 1.86 8.85
N PHE A 31 10.43 1.62 8.12
CA PHE A 31 9.33 0.79 8.62
C PHE A 31 9.81 -0.60 9.03
N THR A 32 10.77 -1.14 8.27
CA THR A 32 11.21 -2.50 8.47
C THR A 32 12.31 -2.60 9.53
N LYS A 33 13.25 -1.66 9.50
CA LYS A 33 14.37 -1.68 10.43
C LYS A 33 14.04 -1.03 11.76
N PHE A 34 13.69 0.24 11.74
CA PHE A 34 13.47 1.00 12.96
C PHE A 34 12.03 0.80 13.45
N GLY A 35 11.12 0.70 12.52
CA GLY A 35 9.71 0.57 12.85
C GLY A 35 8.87 1.53 12.05
N ALA A 36 9.42 2.72 11.81
CA ALA A 36 8.76 3.77 11.07
C ALA A 36 9.65 4.99 11.00
N ALA A 37 9.49 5.79 9.97
CA ALA A 37 10.21 7.04 9.88
C ALA A 37 9.46 8.12 10.66
N THR A 38 8.15 8.04 10.58
CA THR A 38 7.25 8.85 11.40
C THR A 38 6.08 7.97 11.84
N ALA A 39 5.03 7.96 11.00
CA ALA A 39 3.90 7.04 11.12
C ALA A 39 3.44 6.81 12.56
N THR A 40 3.22 7.90 13.28
CA THR A 40 2.70 7.82 14.63
C THR A 40 1.28 7.25 14.59
N GLU A 41 0.39 7.95 13.90
CA GLU A 41 -0.97 7.48 13.65
C GLU A 41 -1.41 7.94 12.27
N MET A 42 -2.22 7.13 11.61
CA MET A 42 -2.77 7.49 10.31
C MET A 42 -4.19 6.96 10.18
N THR A 43 -5.07 7.75 9.57
CA THR A 43 -6.45 7.36 9.38
C THR A 43 -6.67 6.81 7.98
N GLY A 44 -7.76 6.07 7.81
CA GLY A 44 -8.06 5.45 6.54
C GLY A 44 -8.16 6.45 5.40
N LYS A 45 -8.95 7.50 5.59
CA LYS A 45 -9.20 8.47 4.53
C LYS A 45 -7.89 9.06 3.99
N ASN A 46 -6.90 9.20 4.85
CA ASN A 46 -5.62 9.76 4.43
C ASN A 46 -4.82 8.76 3.60
N PHE A 47 -5.04 7.48 3.87
CA PHE A 47 -4.32 6.45 3.14
C PHE A 47 -5.06 6.08 1.85
N ASP A 48 -6.39 6.02 1.92
CA ASP A 48 -7.22 5.83 0.74
C ASP A 48 -7.00 7.01 -0.22
N LYS A 49 -6.57 8.12 0.33
CA LYS A 49 -6.27 9.32 -0.44
C LYS A 49 -5.06 9.09 -1.31
N TRP A 50 -4.00 8.57 -0.69
CA TRP A 50 -2.79 8.18 -1.40
C TRP A 50 -3.10 7.08 -2.40
N LEU A 51 -3.97 6.15 -1.99
CA LEU A 51 -4.30 5.00 -2.83
C LEU A 51 -5.13 5.42 -4.04
N LYS A 52 -6.09 6.31 -3.82
CA LYS A 52 -6.99 6.74 -4.88
C LYS A 52 -6.29 7.68 -5.86
N ASP A 53 -5.65 8.72 -5.34
CA ASP A 53 -5.15 9.79 -6.19
C ASP A 53 -3.91 9.35 -6.98
N ALA A 54 -3.22 8.33 -6.47
CA ALA A 54 -2.11 7.74 -7.20
C ALA A 54 -2.63 6.91 -8.38
N GLY A 55 -3.83 6.36 -8.22
CA GLY A 55 -4.43 5.56 -9.26
C GLY A 55 -4.29 4.07 -9.02
N VAL A 56 -4.03 3.70 -7.76
CA VAL A 56 -3.84 2.30 -7.41
C VAL A 56 -5.15 1.69 -6.93
N LEU A 57 -5.86 2.39 -6.06
CA LEU A 57 -7.11 1.88 -5.51
C LEU A 57 -8.29 2.36 -6.34
N ASP A 58 -8.04 2.58 -7.61
CA ASP A 58 -9.08 3.02 -8.53
C ASP A 58 -8.62 2.84 -9.96
N ASN A 59 -8.50 1.59 -10.35
CA ASN A 59 -8.06 1.26 -11.69
C ASN A 59 -9.24 0.83 -12.56
N LYS A 60 -9.82 -0.33 -12.25
CA LYS A 60 -11.00 -0.84 -12.96
C LYS A 60 -11.37 -2.21 -12.41
N ALA A 61 -10.37 -3.07 -12.31
CA ALA A 61 -10.54 -4.40 -11.76
C ALA A 61 -10.59 -4.38 -10.24
N ILE A 62 -10.15 -3.27 -9.67
CA ILE A 62 -10.12 -3.09 -8.22
C ILE A 62 -11.51 -3.32 -7.62
N THR A 63 -11.64 -4.37 -6.83
CA THR A 63 -12.91 -4.74 -6.24
C THR A 63 -13.20 -3.89 -5.00
N GLY A 64 -14.32 -4.17 -4.36
CA GLY A 64 -14.62 -3.59 -3.07
C GLY A 64 -14.58 -4.66 -2.01
N THR A 65 -14.50 -5.90 -2.46
CA THR A 65 -14.47 -7.05 -1.58
C THR A 65 -13.05 -7.27 -1.04
N MET A 66 -12.10 -7.48 -1.95
CA MET A 66 -10.71 -7.72 -1.56
C MET A 66 -10.14 -6.53 -0.81
N THR A 67 -10.40 -5.34 -1.33
CA THR A 67 -9.93 -4.12 -0.70
C THR A 67 -10.59 -3.92 0.66
N GLY A 68 -11.87 -4.27 0.75
CA GLY A 68 -12.58 -4.19 2.02
C GLY A 68 -11.97 -5.09 3.07
N ILE A 69 -11.62 -6.31 2.67
CA ILE A 69 -10.96 -7.25 3.57
C ILE A 69 -9.60 -6.70 3.98
N ALA A 70 -8.84 -6.23 2.99
CA ALA A 70 -7.54 -5.62 3.24
C ALA A 70 -7.67 -4.47 4.22
N PHE A 71 -8.63 -3.60 3.95
CA PHE A 71 -8.91 -2.42 4.76
C PHE A 71 -9.18 -2.82 6.21
N SER A 72 -9.98 -3.86 6.39
CA SER A 72 -10.34 -4.32 7.73
C SER A 72 -9.13 -4.90 8.47
N LYS A 73 -8.21 -5.50 7.72
CA LYS A 73 -6.98 -6.04 8.29
C LYS A 73 -6.03 -4.92 8.67
N VAL A 74 -6.17 -3.79 8.00
CA VAL A 74 -5.30 -2.64 8.19
C VAL A 74 -5.83 -1.72 9.29
N THR A 75 -7.00 -1.12 9.06
CA THR A 75 -7.52 -0.13 9.99
C THR A 75 -8.76 -0.64 10.71
N GLY A 76 -8.82 -1.95 10.90
CA GLY A 76 -9.89 -2.53 11.67
C GLY A 76 -9.76 -2.26 13.16
N PRO A 77 -8.63 -2.67 13.79
CA PRO A 77 -8.41 -2.44 15.22
C PRO A 77 -7.89 -1.04 15.53
N LYS A 78 -7.90 -0.70 16.82
CA LYS A 78 -7.41 0.58 17.32
C LYS A 78 -5.91 0.73 17.08
N LYS A 79 -5.27 -0.36 16.69
CA LYS A 79 -3.84 -0.38 16.34
C LYS A 79 -3.47 0.77 15.39
N LYS A 80 -4.41 1.12 14.50
CA LYS A 80 -4.25 2.22 13.53
C LYS A 80 -3.36 1.79 12.35
N ALA A 81 -3.25 2.66 11.36
CA ALA A 81 -2.57 2.34 10.12
C ALA A 81 -1.10 2.70 10.20
N THR A 82 -0.34 1.83 10.82
CA THR A 82 1.10 2.02 10.92
C THR A 82 1.84 1.16 9.88
N PHE A 83 3.12 0.87 10.13
CA PHE A 83 3.99 0.21 9.16
C PHE A 83 3.45 -1.14 8.69
N ASP A 84 3.00 -1.96 9.63
CA ASP A 84 2.52 -3.31 9.32
C ASP A 84 1.26 -3.23 8.46
N GLU A 85 0.44 -2.25 8.77
CA GLU A 85 -0.79 -2.00 8.05
C GLU A 85 -0.50 -1.56 6.62
N THR A 86 0.42 -0.61 6.47
CA THR A 86 0.82 -0.12 5.17
C THR A 86 1.36 -1.27 4.30
N LYS A 87 2.14 -2.14 4.92
CA LYS A 87 2.67 -3.33 4.28
C LYS A 87 1.54 -4.22 3.77
N LYS A 88 0.52 -4.39 4.60
CA LYS A 88 -0.64 -5.20 4.27
C LYS A 88 -1.42 -4.62 3.10
N VAL A 89 -1.64 -3.31 3.10
CA VAL A 89 -2.41 -2.67 2.04
C VAL A 89 -1.79 -2.92 0.68
N LEU A 90 -0.53 -2.51 0.52
CA LEU A 90 0.16 -2.66 -0.75
C LEU A 90 0.19 -4.12 -1.19
N ALA A 91 0.28 -5.03 -0.24
CA ALA A 91 0.33 -6.46 -0.54
C ALA A 91 -1.04 -6.97 -1.00
N PHE A 92 -2.08 -6.67 -0.22
CA PHE A 92 -3.41 -7.20 -0.49
C PHE A 92 -4.05 -6.55 -1.72
N VAL A 93 -3.84 -5.25 -1.88
CA VAL A 93 -4.35 -4.54 -3.04
C VAL A 93 -3.71 -5.07 -4.31
N ALA A 94 -2.39 -5.26 -4.27
CA ALA A 94 -1.68 -5.85 -5.39
C ALA A 94 -2.16 -7.27 -5.64
N GLU A 95 -2.39 -8.01 -4.55
CA GLU A 95 -2.85 -9.41 -4.60
C GLU A 95 -4.08 -9.56 -5.51
N ASP A 96 -5.04 -8.66 -5.37
CA ASP A 96 -6.26 -8.66 -6.20
C ASP A 96 -5.88 -8.74 -7.68
N ARG A 97 -5.09 -7.79 -8.13
CA ARG A 97 -4.66 -7.74 -9.52
C ARG A 97 -3.69 -8.88 -9.85
N ALA A 98 -2.71 -9.06 -8.97
CA ALA A 98 -1.62 -10.00 -9.21
C ALA A 98 -2.10 -11.42 -9.41
N ARG A 99 -3.02 -11.87 -8.55
CA ARG A 99 -3.51 -13.24 -8.60
C ARG A 99 -4.19 -13.53 -9.94
N GLN A 100 -4.87 -12.53 -10.47
CA GLN A 100 -5.64 -12.70 -11.68
C GLN A 100 -4.83 -12.39 -12.93
N SER A 101 -3.66 -11.81 -12.74
CA SER A 101 -2.79 -11.48 -13.86
C SER A 101 -1.69 -12.52 -14.03
N LYS A 102 -0.82 -12.60 -13.02
CA LYS A 102 0.24 -13.59 -13.02
C LYS A 102 -0.15 -14.73 -12.09
N LYS A 103 -0.01 -14.44 -10.79
CA LYS A 103 -0.31 -15.36 -9.69
C LYS A 103 0.35 -14.83 -8.42
N PRO A 104 1.70 -14.59 -8.45
CA PRO A 104 2.41 -13.99 -7.32
C PRO A 104 2.21 -12.48 -7.27
N ILE A 105 2.26 -11.92 -6.07
CA ILE A 105 2.01 -10.50 -5.87
C ILE A 105 3.20 -9.66 -6.30
N GLN A 106 4.41 -10.16 -6.02
CA GLN A 106 5.64 -9.43 -6.30
C GLN A 106 5.70 -8.93 -7.73
N ASP A 107 5.27 -9.78 -8.68
CA ASP A 107 5.25 -9.42 -10.10
C ASP A 107 4.59 -8.08 -10.32
N GLU A 108 3.35 -7.96 -9.88
CA GLU A 108 2.57 -6.76 -10.12
C GLU A 108 2.98 -5.64 -9.18
N LEU A 109 3.42 -5.99 -7.97
CA LEU A 109 3.88 -4.98 -7.03
C LEU A 109 5.12 -4.29 -7.55
N ASP A 110 6.02 -5.08 -8.15
CA ASP A 110 7.25 -4.56 -8.71
C ASP A 110 6.93 -3.61 -9.86
N ALA A 111 5.93 -3.99 -10.65
CA ALA A 111 5.44 -3.14 -11.72
C ALA A 111 4.91 -1.81 -11.15
N ILE A 112 4.14 -1.90 -10.07
CA ILE A 112 3.63 -0.73 -9.36
C ILE A 112 4.80 0.14 -8.86
N THR A 113 5.74 -0.52 -8.20
CA THR A 113 6.91 0.14 -7.63
C THR A 113 7.71 0.87 -8.73
N GLU A 114 7.96 0.18 -9.84
CA GLU A 114 8.67 0.78 -10.96
C GLU A 114 7.87 1.91 -11.60
N LYS A 115 6.56 1.68 -11.75
CA LYS A 115 5.69 2.63 -12.45
C LYS A 115 5.71 4.01 -11.79
N LEU A 116 5.75 4.04 -10.47
CA LEU A 116 5.79 5.30 -9.73
C LEU A 116 7.15 5.98 -9.87
N ALA A 117 8.20 5.18 -9.90
CA ALA A 117 9.54 5.69 -10.16
C ALA A 117 9.61 6.22 -11.60
N LYS A 118 8.94 5.49 -12.49
CA LYS A 118 8.85 5.87 -13.90
C LYS A 118 8.02 7.14 -14.04
N LEU A 119 7.24 7.45 -13.01
CA LEU A 119 6.38 8.63 -13.00
C LEU A 119 7.19 9.87 -12.63
N GLU A 120 8.51 9.77 -12.78
CA GLU A 120 9.44 10.81 -12.36
C GLU A 120 9.39 11.00 -10.86
N ASN A 18 5.30 13.39 -3.44
CA ASN A 18 6.06 12.73 -4.49
C ASN A 18 7.13 11.83 -3.89
N TRP A 19 6.76 10.57 -3.67
CA TRP A 19 7.72 9.57 -3.26
C TRP A 19 8.72 9.29 -4.38
N ASP A 20 9.94 9.76 -4.21
CA ASP A 20 10.97 9.69 -5.25
C ASP A 20 11.59 8.30 -5.32
N ASP A 21 12.44 8.10 -6.35
CA ASP A 21 13.07 6.79 -6.61
C ASP A 21 13.70 6.20 -5.37
N ALA A 22 14.65 6.91 -4.80
CA ALA A 22 15.35 6.44 -3.62
C ALA A 22 14.49 6.70 -2.38
N ASP A 23 13.84 7.84 -2.37
CA ASP A 23 13.04 8.29 -1.24
C ASP A 23 11.98 7.27 -0.83
N VAL A 24 11.26 6.71 -1.80
CA VAL A 24 10.19 5.76 -1.50
C VAL A 24 10.73 4.51 -0.80
N LYS A 25 11.83 3.96 -1.32
CA LYS A 25 12.42 2.76 -0.77
C LYS A 25 12.96 3.07 0.63
N LYS A 26 13.56 4.24 0.77
CA LYS A 26 14.18 4.65 2.02
C LYS A 26 13.13 4.86 3.10
N ARG A 27 12.01 5.50 2.75
CA ARG A 27 10.94 5.74 3.72
C ARG A 27 10.26 4.44 4.12
N TRP A 28 10.04 3.56 3.15
CA TRP A 28 9.39 2.28 3.43
C TRP A 28 10.28 1.43 4.32
N ASP A 29 11.57 1.45 4.04
CA ASP A 29 12.57 0.77 4.86
C ASP A 29 12.64 1.39 6.24
N ALA A 30 12.59 2.72 6.28
CA ALA A 30 12.60 3.51 7.51
C ALA A 30 11.67 2.94 8.58
N PHE A 31 10.47 2.51 8.17
CA PHE A 31 9.51 1.91 9.12
C PHE A 31 10.15 0.78 9.91
N THR A 32 11.06 0.04 9.28
CA THR A 32 11.73 -1.07 9.92
C THR A 32 12.98 -0.59 10.68
N LYS A 33 13.72 0.31 10.07
CA LYS A 33 14.96 0.82 10.65
C LYS A 33 14.73 1.86 11.73
N PHE A 34 14.13 2.97 11.35
CA PHE A 34 13.99 4.11 12.23
C PHE A 34 12.71 3.99 13.08
N GLY A 35 11.65 3.46 12.48
CA GLY A 35 10.40 3.31 13.19
C GLY A 35 9.39 4.37 12.82
N ALA A 36 9.87 5.40 12.11
CA ALA A 36 9.03 6.48 11.62
C ALA A 36 8.38 7.25 12.78
N ALA A 37 9.20 7.95 13.53
CA ALA A 37 8.73 8.71 14.67
C ALA A 37 8.09 10.02 14.22
N THR A 38 8.22 10.32 12.93
CA THR A 38 7.65 11.51 12.35
C THR A 38 6.25 11.22 11.79
N ALA A 39 5.97 9.96 11.53
CA ALA A 39 4.69 9.54 10.99
C ALA A 39 4.33 8.16 11.51
N THR A 40 3.87 8.11 12.76
CA THR A 40 3.57 6.86 13.41
C THR A 40 2.09 6.48 13.24
N GLU A 41 1.24 7.46 12.98
CA GLU A 41 -0.18 7.19 12.80
C GLU A 41 -0.60 7.32 11.34
N MET A 42 -0.91 6.19 10.73
CA MET A 42 -1.48 6.18 9.41
C MET A 42 -2.97 5.86 9.52
N THR A 43 -3.80 6.72 8.97
CA THR A 43 -5.24 6.57 9.07
C THR A 43 -5.81 6.01 7.76
N GLY A 44 -6.82 5.16 7.88
CA GLY A 44 -7.44 4.56 6.71
C GLY A 44 -7.97 5.59 5.75
N LYS A 45 -8.38 6.74 6.28
CA LYS A 45 -8.89 7.84 5.46
C LYS A 45 -7.82 8.33 4.49
N ASN A 46 -6.69 8.75 5.04
CA ASN A 46 -5.61 9.31 4.23
C ASN A 46 -5.01 8.24 3.32
N PHE A 47 -4.93 7.02 3.83
CA PHE A 47 -4.32 5.93 3.08
C PHE A 47 -5.21 5.53 1.90
N ASP A 48 -6.53 5.49 2.11
CA ASP A 48 -7.48 5.18 1.05
C ASP A 48 -7.35 6.17 -0.10
N LYS A 49 -7.14 7.43 0.24
CA LYS A 49 -7.05 8.48 -0.76
C LYS A 49 -5.68 8.46 -1.41
N TRP A 50 -4.66 8.27 -0.59
CA TRP A 50 -3.30 8.05 -1.08
C TRP A 50 -3.29 6.92 -2.12
N LEU A 51 -4.10 5.88 -1.87
CA LEU A 51 -4.20 4.76 -2.80
C LEU A 51 -5.04 5.14 -4.02
N LYS A 52 -6.07 5.94 -3.78
CA LYS A 52 -6.92 6.47 -4.84
C LYS A 52 -6.09 7.25 -5.87
N ASP A 53 -5.36 8.25 -5.38
CA ASP A 53 -4.60 9.14 -6.26
C ASP A 53 -3.38 8.43 -6.87
N ALA A 54 -2.92 7.38 -6.20
CA ALA A 54 -1.81 6.58 -6.72
C ALA A 54 -2.26 5.80 -7.95
N GLY A 55 -3.52 5.37 -7.94
CA GLY A 55 -4.06 4.63 -9.07
C GLY A 55 -4.04 3.14 -8.83
N VAL A 56 -3.58 2.74 -7.66
CA VAL A 56 -3.50 1.33 -7.31
C VAL A 56 -4.86 0.84 -6.79
N LEU A 57 -5.65 1.78 -6.29
CA LEU A 57 -6.98 1.45 -5.77
C LEU A 57 -7.97 1.31 -6.93
N ASP A 58 -9.26 1.32 -6.61
CA ASP A 58 -10.33 1.07 -7.57
C ASP A 58 -10.37 2.14 -8.64
N ASN A 59 -9.51 1.96 -9.62
CA ASN A 59 -9.43 2.82 -10.79
C ASN A 59 -10.65 2.63 -11.70
N LYS A 60 -11.05 1.37 -11.92
CA LYS A 60 -12.15 1.07 -12.82
C LYS A 60 -13.11 0.07 -12.19
N ALA A 61 -12.73 -1.21 -12.22
CA ALA A 61 -13.55 -2.25 -11.62
C ALA A 61 -12.70 -3.17 -10.77
N ILE A 62 -12.21 -2.67 -9.65
CA ILE A 62 -11.43 -3.48 -8.74
C ILE A 62 -12.36 -4.09 -7.69
N THR A 63 -12.24 -5.39 -7.54
CA THR A 63 -13.15 -6.20 -6.75
C THR A 63 -13.26 -5.76 -5.29
N GLY A 64 -14.41 -5.22 -4.93
CA GLY A 64 -14.65 -4.83 -3.56
C GLY A 64 -14.64 -6.02 -2.63
N THR A 65 -15.05 -7.17 -3.15
CA THR A 65 -15.03 -8.40 -2.39
C THR A 65 -13.60 -8.78 -1.98
N MET A 66 -12.66 -8.50 -2.87
CA MET A 66 -11.26 -8.85 -2.62
C MET A 66 -10.57 -7.77 -1.79
N THR A 67 -10.80 -6.51 -2.17
CA THR A 67 -10.24 -5.37 -1.46
C THR A 67 -10.73 -5.36 -0.01
N GLY A 68 -11.97 -5.76 0.20
CA GLY A 68 -12.52 -5.90 1.53
C GLY A 68 -11.70 -6.82 2.40
N ILE A 69 -11.21 -7.91 1.82
CA ILE A 69 -10.33 -8.84 2.52
C ILE A 69 -9.07 -8.12 2.99
N ALA A 70 -8.42 -7.42 2.05
CA ALA A 70 -7.21 -6.67 2.35
C ALA A 70 -7.45 -5.65 3.47
N PHE A 71 -8.59 -4.98 3.41
CA PHE A 71 -8.99 -4.02 4.45
C PHE A 71 -9.06 -4.70 5.81
N SER A 72 -9.64 -5.89 5.85
CA SER A 72 -9.76 -6.65 7.09
C SER A 72 -8.38 -7.11 7.59
N LYS A 73 -7.45 -7.30 6.65
CA LYS A 73 -6.11 -7.74 7.00
C LYS A 73 -5.29 -6.61 7.62
N VAL A 74 -5.42 -5.41 7.05
CA VAL A 74 -4.73 -4.24 7.59
C VAL A 74 -5.35 -3.82 8.92
N THR A 75 -6.64 -3.52 8.94
CA THR A 75 -7.31 -3.07 10.14
C THR A 75 -8.77 -2.73 9.88
N GLY A 76 -9.66 -3.49 10.51
CA GLY A 76 -11.07 -3.13 10.55
C GLY A 76 -11.27 -1.71 11.07
N PRO A 77 -10.79 -1.40 12.30
CA PRO A 77 -10.79 -0.03 12.81
C PRO A 77 -9.96 0.90 11.92
N LYS A 78 -10.63 1.90 11.36
CA LYS A 78 -10.04 2.77 10.34
C LYS A 78 -9.10 3.81 10.95
N LYS A 79 -9.15 3.99 12.26
CA LYS A 79 -8.34 5.00 12.93
C LYS A 79 -6.84 4.74 12.73
N LYS A 80 -6.36 3.60 13.22
CA LYS A 80 -4.97 3.23 13.06
C LYS A 80 -4.78 1.74 13.29
N ALA A 81 -3.80 1.15 12.61
CA ALA A 81 -3.48 -0.25 12.80
C ALA A 81 -2.15 -0.42 13.52
N THR A 82 -1.07 -0.38 12.75
CA THR A 82 0.27 -0.61 13.27
C THR A 82 1.25 -0.54 12.11
N PHE A 83 2.48 -1.02 12.30
CA PHE A 83 3.48 -1.03 11.24
C PHE A 83 3.05 -1.95 10.09
N ASP A 84 2.35 -3.02 10.44
CA ASP A 84 1.84 -3.97 9.46
C ASP A 84 0.86 -3.32 8.48
N GLU A 85 0.18 -2.26 8.93
CA GLU A 85 -0.85 -1.57 8.15
C GLU A 85 -0.44 -1.39 6.68
N THR A 86 0.50 -0.49 6.44
CA THR A 86 0.92 -0.16 5.07
C THR A 86 1.48 -1.38 4.36
N LYS A 87 2.20 -2.21 5.10
CA LYS A 87 2.80 -3.43 4.58
C LYS A 87 1.73 -4.38 4.05
N LYS A 88 0.67 -4.57 4.81
CA LYS A 88 -0.37 -5.51 4.45
C LYS A 88 -1.20 -5.01 3.27
N VAL A 89 -1.63 -3.75 3.33
CA VAL A 89 -2.46 -3.20 2.26
C VAL A 89 -1.75 -3.32 0.92
N LEU A 90 -0.52 -2.83 0.85
CA LEU A 90 0.24 -2.82 -0.38
C LEU A 90 0.43 -4.23 -0.94
N ALA A 91 0.73 -5.18 -0.06
CA ALA A 91 1.00 -6.55 -0.48
C ALA A 91 -0.28 -7.30 -0.87
N PHE A 92 -1.34 -7.10 -0.09
CA PHE A 92 -2.61 -7.79 -0.36
C PHE A 92 -3.33 -7.19 -1.57
N VAL A 93 -3.35 -5.87 -1.67
CA VAL A 93 -3.98 -5.22 -2.82
C VAL A 93 -3.29 -5.66 -4.11
N ALA A 94 -1.97 -5.66 -4.10
CA ALA A 94 -1.19 -6.12 -5.24
C ALA A 94 -1.51 -7.58 -5.57
N GLU A 95 -1.67 -8.39 -4.52
CA GLU A 95 -1.98 -9.80 -4.68
C GLU A 95 -3.29 -10.00 -5.42
N ASP A 96 -4.39 -9.47 -4.88
CA ASP A 96 -5.70 -9.62 -5.49
C ASP A 96 -5.74 -8.97 -6.87
N ARG A 97 -5.08 -7.81 -6.99
CA ARG A 97 -4.96 -7.12 -8.28
C ARG A 97 -4.35 -8.03 -9.34
N ALA A 98 -3.23 -8.64 -9.01
CA ALA A 98 -2.52 -9.49 -9.94
C ALA A 98 -3.24 -10.81 -10.16
N ARG A 99 -3.66 -11.43 -9.07
CA ARG A 99 -4.31 -12.74 -9.12
C ARG A 99 -5.49 -12.74 -10.08
N GLN A 100 -6.19 -11.61 -10.14
CA GLN A 100 -7.33 -11.47 -11.03
C GLN A 100 -6.88 -11.20 -12.47
N SER A 101 -5.75 -10.53 -12.62
CA SER A 101 -5.27 -10.08 -13.93
C SER A 101 -4.19 -11.00 -14.50
N LYS A 102 -2.98 -10.88 -13.97
CA LYS A 102 -1.83 -11.64 -14.48
C LYS A 102 -1.77 -13.03 -13.85
N LYS A 103 -2.14 -13.09 -12.57
CA LYS A 103 -2.04 -14.27 -11.69
C LYS A 103 -0.85 -14.17 -10.72
N PRO A 104 0.42 -14.06 -11.21
CA PRO A 104 1.56 -13.77 -10.34
C PRO A 104 1.45 -12.39 -9.68
N ILE A 105 1.36 -12.37 -8.36
CA ILE A 105 1.11 -11.15 -7.61
C ILE A 105 2.27 -10.16 -7.74
N GLN A 106 3.49 -10.66 -7.72
CA GLN A 106 4.68 -9.82 -7.74
C GLN A 106 4.72 -8.93 -8.99
N ASP A 107 4.09 -9.38 -10.07
CA ASP A 107 4.11 -8.64 -11.32
C ASP A 107 3.43 -7.28 -11.16
N GLU A 108 2.37 -7.23 -10.36
CA GLU A 108 1.68 -5.97 -10.12
C GLU A 108 2.52 -5.04 -9.27
N LEU A 109 3.19 -5.57 -8.26
CA LEU A 109 4.08 -4.75 -7.45
C LEU A 109 5.21 -4.24 -8.33
N ASP A 110 5.69 -5.11 -9.21
CA ASP A 110 6.71 -4.75 -10.19
C ASP A 110 6.21 -3.60 -11.05
N ALA A 111 5.00 -3.74 -11.57
CA ALA A 111 4.38 -2.70 -12.39
C ALA A 111 4.28 -1.39 -11.62
N ILE A 112 3.85 -1.46 -10.37
CA ILE A 112 3.76 -0.29 -9.51
C ILE A 112 5.13 0.37 -9.35
N THR A 113 6.10 -0.42 -8.94
CA THR A 113 7.45 0.06 -8.69
C THR A 113 8.08 0.64 -9.97
N GLU A 114 7.86 -0.05 -11.08
CA GLU A 114 8.37 0.38 -12.38
C GLU A 114 7.71 1.69 -12.81
N LYS A 115 6.39 1.76 -12.64
CA LYS A 115 5.63 2.95 -13.01
C LYS A 115 6.07 4.17 -12.21
N LEU A 116 6.26 4.00 -10.91
CA LEU A 116 6.67 5.11 -10.04
C LEU A 116 8.06 5.61 -10.42
N ALA A 117 8.96 4.67 -10.70
CA ALA A 117 10.33 5.00 -11.06
C ALA A 117 10.38 5.87 -12.31
N LYS A 118 9.52 5.56 -13.26
CA LYS A 118 9.47 6.30 -14.52
C LYS A 118 8.54 7.51 -14.42
N LEU A 119 7.75 7.56 -13.35
CA LEU A 119 6.74 8.61 -13.14
C LEU A 119 7.36 9.99 -12.88
N GLU A 120 8.53 10.24 -13.47
CA GLU A 120 9.29 11.48 -13.29
C GLU A 120 9.84 11.57 -11.87
N ASN A 18 5.99 12.56 -3.86
CA ASN A 18 7.08 12.32 -4.80
C ASN A 18 8.18 11.40 -4.24
N TRP A 19 8.08 10.13 -4.59
CA TRP A 19 9.14 9.19 -4.28
C TRP A 19 10.03 8.94 -5.50
N ASP A 20 11.02 8.08 -5.34
CA ASP A 20 12.04 7.85 -6.36
C ASP A 20 12.42 6.36 -6.38
N ASP A 21 13.11 5.93 -7.44
CA ASP A 21 13.56 4.54 -7.58
C ASP A 21 14.13 3.98 -6.28
N ALA A 22 15.02 4.75 -5.66
CA ALA A 22 15.61 4.35 -4.39
C ALA A 22 14.72 4.76 -3.22
N ASP A 23 14.15 5.96 -3.33
CA ASP A 23 13.33 6.56 -2.28
C ASP A 23 12.16 5.65 -1.86
N VAL A 24 11.54 4.98 -2.84
CA VAL A 24 10.44 4.05 -2.55
C VAL A 24 10.88 3.00 -1.53
N LYS A 25 11.98 2.33 -1.84
CA LYS A 25 12.51 1.28 -0.99
C LYS A 25 12.95 1.86 0.35
N LYS A 26 13.50 3.07 0.28
CA LYS A 26 13.95 3.80 1.45
C LYS A 26 12.81 4.00 2.44
N ARG A 27 11.68 4.51 1.96
CA ARG A 27 10.53 4.80 2.81
C ARG A 27 10.04 3.55 3.52
N TRP A 28 9.93 2.46 2.78
CA TRP A 28 9.40 1.20 3.31
C TRP A 28 10.21 0.73 4.52
N ASP A 29 11.52 0.86 4.45
CA ASP A 29 12.39 0.41 5.53
C ASP A 29 12.54 1.46 6.62
N ALA A 30 12.72 2.71 6.20
CA ALA A 30 13.01 3.82 7.12
C ALA A 30 11.99 3.91 8.25
N PHE A 31 10.71 4.01 7.88
CA PHE A 31 9.63 4.22 8.87
C PHE A 31 9.57 3.11 9.90
N THR A 32 9.92 1.89 9.48
CA THR A 32 9.95 0.76 10.39
C THR A 32 10.95 1.02 11.52
N LYS A 33 12.08 1.62 11.15
CA LYS A 33 13.14 1.91 12.11
C LYS A 33 13.00 3.32 12.67
N PHE A 34 13.44 4.31 11.90
CA PHE A 34 13.56 5.68 12.38
C PHE A 34 12.57 6.62 11.72
N GLY A 35 12.13 7.63 12.47
CA GLY A 35 11.34 8.70 11.90
C GLY A 35 9.88 8.60 12.27
N ALA A 36 9.38 7.38 12.33
CA ALA A 36 7.97 7.15 12.56
C ALA A 36 7.63 7.11 14.04
N ALA A 37 8.54 7.58 14.87
CA ALA A 37 8.28 7.67 16.30
C ALA A 37 7.41 8.89 16.60
N THR A 38 7.85 10.05 16.10
CA THR A 38 7.09 11.27 16.29
C THR A 38 5.92 11.33 15.31
N ALA A 39 6.13 10.82 14.09
CA ALA A 39 5.08 10.72 13.10
C ALA A 39 4.76 9.26 12.84
N THR A 40 3.93 8.69 13.70
CA THR A 40 3.63 7.26 13.64
C THR A 40 2.26 7.00 13.03
N GLU A 41 1.37 7.98 13.08
CA GLU A 41 0.01 7.79 12.63
C GLU A 41 -0.11 7.83 11.12
N MET A 42 -0.20 6.66 10.50
CA MET A 42 -0.48 6.58 9.09
C MET A 42 -1.97 6.30 8.91
N THR A 43 -2.75 7.36 8.85
CA THR A 43 -4.20 7.26 8.77
C THR A 43 -4.64 6.51 7.52
N GLY A 44 -5.76 5.81 7.62
CA GLY A 44 -6.29 5.08 6.50
C GLY A 44 -6.58 5.96 5.30
N LYS A 45 -7.11 7.16 5.56
CA LYS A 45 -7.42 8.08 4.47
C LYS A 45 -6.14 8.72 3.94
N ASN A 46 -5.08 8.69 4.74
CA ASN A 46 -3.79 9.20 4.30
C ASN A 46 -3.21 8.25 3.27
N PHE A 47 -3.25 6.96 3.60
CA PHE A 47 -2.85 5.92 2.68
C PHE A 47 -3.76 5.89 1.46
N ASP A 48 -5.06 6.01 1.72
CA ASP A 48 -6.09 6.07 0.67
C ASP A 48 -5.80 7.18 -0.33
N LYS A 49 -5.40 8.34 0.18
CA LYS A 49 -5.20 9.52 -0.64
C LYS A 49 -3.89 9.44 -1.39
N TRP A 50 -2.83 9.12 -0.66
CA TRP A 50 -1.51 8.92 -1.25
C TRP A 50 -1.57 7.90 -2.38
N LEU A 51 -2.44 6.91 -2.20
CA LEU A 51 -2.56 5.84 -3.19
C LEU A 51 -3.43 6.24 -4.37
N LYS A 52 -4.49 7.02 -4.12
CA LYS A 52 -5.39 7.40 -5.20
C LYS A 52 -4.85 8.59 -5.99
N ASP A 53 -4.12 9.49 -5.31
CA ASP A 53 -3.45 10.59 -5.99
C ASP A 53 -2.45 10.03 -7.01
N ALA A 54 -1.72 9.00 -6.59
CA ALA A 54 -0.77 8.32 -7.47
C ALA A 54 -1.51 7.62 -8.61
N GLY A 55 -2.71 7.12 -8.33
CA GLY A 55 -3.54 6.54 -9.36
C GLY A 55 -3.58 5.02 -9.33
N VAL A 56 -3.12 4.43 -8.24
CA VAL A 56 -3.15 2.98 -8.10
C VAL A 56 -4.39 2.55 -7.31
N LEU A 57 -4.93 3.47 -6.53
CA LEU A 57 -6.12 3.19 -5.73
C LEU A 57 -7.26 4.13 -6.13
N ASP A 58 -8.47 3.75 -5.72
CA ASP A 58 -9.69 4.53 -5.99
C ASP A 58 -9.82 4.85 -7.48
N ASN A 59 -10.20 3.85 -8.25
CA ASN A 59 -10.34 4.02 -9.70
C ASN A 59 -11.14 2.86 -10.29
N LYS A 60 -12.44 2.86 -9.99
CA LYS A 60 -13.41 1.92 -10.56
C LYS A 60 -13.27 0.52 -9.97
N ALA A 61 -12.09 -0.06 -10.13
CA ALA A 61 -11.85 -1.44 -9.73
C ALA A 61 -11.59 -1.57 -8.24
N ILE A 62 -11.74 -0.48 -7.50
CA ILE A 62 -11.54 -0.50 -6.06
C ILE A 62 -12.88 -0.70 -5.36
N THR A 63 -13.11 -1.94 -4.93
CA THR A 63 -14.37 -2.30 -4.32
C THR A 63 -14.23 -2.45 -2.81
N GLY A 64 -15.05 -3.28 -2.18
CA GLY A 64 -14.98 -3.47 -0.75
C GLY A 64 -14.40 -4.82 -0.38
N THR A 65 -14.56 -5.81 -1.25
CA THR A 65 -14.04 -7.14 -0.98
C THR A 65 -12.53 -7.19 -1.24
N MET A 66 -12.11 -6.66 -2.39
CA MET A 66 -10.71 -6.68 -2.78
C MET A 66 -9.85 -5.92 -1.77
N THR A 67 -10.32 -4.74 -1.40
CA THR A 67 -9.59 -3.90 -0.47
C THR A 67 -9.71 -4.41 0.95
N GLY A 68 -10.92 -4.90 1.29
CA GLY A 68 -11.19 -5.38 2.63
C GLY A 68 -10.25 -6.51 3.04
N ILE A 69 -10.02 -7.45 2.13
CA ILE A 69 -9.11 -8.55 2.39
C ILE A 69 -7.72 -8.04 2.73
N ALA A 70 -7.21 -7.11 1.91
CA ALA A 70 -5.89 -6.54 2.11
C ALA A 70 -5.79 -5.86 3.48
N PHE A 71 -6.75 -4.99 3.79
CA PHE A 71 -6.78 -4.31 5.07
C PHE A 71 -6.88 -5.30 6.22
N SER A 72 -7.72 -6.31 6.07
CA SER A 72 -7.90 -7.31 7.10
C SER A 72 -6.58 -8.02 7.41
N LYS A 73 -5.78 -8.26 6.38
CA LYS A 73 -4.52 -8.97 6.54
C LYS A 73 -3.49 -8.14 7.30
N VAL A 74 -3.49 -6.83 7.07
CA VAL A 74 -2.55 -5.94 7.72
C VAL A 74 -2.96 -5.68 9.17
N THR A 75 -4.26 -5.77 9.46
CA THR A 75 -4.77 -5.59 10.81
C THR A 75 -6.28 -5.80 10.86
N GLY A 76 -7.00 -5.19 9.92
CA GLY A 76 -8.44 -5.21 9.95
C GLY A 76 -9.02 -3.85 9.59
N PRO A 77 -9.04 -2.91 10.54
CA PRO A 77 -9.45 -1.53 10.29
C PRO A 77 -8.36 -0.77 9.52
N LYS A 78 -8.77 0.01 8.53
CA LYS A 78 -7.83 0.74 7.68
C LYS A 78 -7.19 1.91 8.43
N LYS A 79 -7.76 2.25 9.60
CA LYS A 79 -7.28 3.35 10.43
C LYS A 79 -5.75 3.41 10.52
N LYS A 80 -5.17 2.33 11.04
CA LYS A 80 -3.73 2.22 11.25
C LYS A 80 -3.45 0.91 11.99
N ALA A 81 -2.20 0.48 12.02
CA ALA A 81 -1.85 -0.73 12.75
C ALA A 81 -0.46 -0.64 13.37
N THR A 82 0.54 -0.55 12.52
CA THR A 82 1.93 -0.75 12.91
C THR A 82 2.88 0.02 11.98
N PHE A 83 4.09 -0.49 11.81
CA PHE A 83 4.94 -0.10 10.70
C PHE A 83 4.75 -1.09 9.52
N ASP A 84 4.45 -2.34 9.86
CA ASP A 84 4.45 -3.45 8.91
C ASP A 84 3.18 -3.52 8.06
N GLU A 85 2.05 -3.05 8.58
CA GLU A 85 0.77 -3.17 7.87
C GLU A 85 0.88 -2.59 6.48
N THR A 86 1.56 -1.45 6.37
CA THR A 86 1.70 -0.80 5.10
C THR A 86 2.57 -1.62 4.16
N LYS A 87 3.60 -2.22 4.72
CA LYS A 87 4.46 -3.14 3.99
C LYS A 87 3.61 -4.28 3.41
N LYS A 88 2.72 -4.79 4.26
CA LYS A 88 1.82 -5.86 3.88
C LYS A 88 0.80 -5.39 2.84
N VAL A 89 0.05 -4.34 3.16
CA VAL A 89 -1.04 -3.88 2.29
C VAL A 89 -0.52 -3.42 0.95
N LEU A 90 0.63 -2.75 0.92
CA LEU A 90 1.22 -2.30 -0.32
C LEU A 90 1.54 -3.50 -1.20
N ALA A 91 2.02 -4.56 -0.55
CA ALA A 91 2.29 -5.82 -1.24
C ALA A 91 1.00 -6.48 -1.70
N PHE A 92 -0.03 -6.46 -0.84
CA PHE A 92 -1.31 -7.07 -1.16
C PHE A 92 -2.02 -6.33 -2.30
N VAL A 93 -1.92 -5.01 -2.31
CA VAL A 93 -2.46 -4.19 -3.40
C VAL A 93 -1.83 -4.63 -4.72
N ALA A 94 -0.52 -4.83 -4.71
CA ALA A 94 0.18 -5.33 -5.89
C ALA A 94 -0.24 -6.77 -6.20
N GLU A 95 -0.28 -7.59 -5.15
CA GLU A 95 -0.65 -9.00 -5.25
C GLU A 95 -1.97 -9.18 -5.97
N ASP A 96 -2.93 -8.30 -5.68
CA ASP A 96 -4.25 -8.35 -6.29
C ASP A 96 -4.20 -8.54 -7.81
N ARG A 97 -3.75 -7.53 -8.52
CA ARG A 97 -3.75 -7.56 -9.97
C ARG A 97 -2.62 -8.42 -10.51
N ALA A 98 -1.57 -8.58 -9.73
CA ALA A 98 -0.47 -9.47 -10.10
C ALA A 98 -0.95 -10.90 -10.18
N ARG A 99 -1.59 -11.34 -9.11
CA ARG A 99 -2.09 -12.71 -8.97
C ARG A 99 -3.30 -12.95 -9.87
N GLN A 100 -4.19 -11.97 -9.93
CA GLN A 100 -5.41 -12.09 -10.72
C GLN A 100 -5.08 -12.21 -12.20
N SER A 101 -4.32 -11.25 -12.73
CA SER A 101 -4.02 -11.23 -14.15
C SER A 101 -3.01 -12.32 -14.53
N LYS A 102 -1.84 -12.29 -13.91
CA LYS A 102 -0.81 -13.28 -14.23
C LYS A 102 -0.76 -14.38 -13.17
N LYS A 103 -0.14 -14.04 -12.02
CA LYS A 103 -0.04 -14.90 -10.85
C LYS A 103 1.09 -14.43 -9.93
N PRO A 104 2.33 -14.25 -10.45
CA PRO A 104 3.47 -13.82 -9.64
C PRO A 104 3.40 -12.34 -9.27
N ILE A 105 3.30 -12.08 -7.97
CA ILE A 105 3.25 -10.72 -7.43
C ILE A 105 4.50 -9.92 -7.81
N GLN A 106 5.66 -10.57 -7.75
CA GLN A 106 6.94 -9.91 -8.00
C GLN A 106 6.94 -9.24 -9.38
N ASP A 107 6.44 -9.94 -10.38
CA ASP A 107 6.44 -9.44 -11.75
C ASP A 107 5.74 -8.08 -11.84
N GLU A 108 4.52 -8.02 -11.33
CA GLU A 108 3.74 -6.79 -11.39
C GLU A 108 4.30 -5.74 -10.43
N LEU A 109 4.75 -6.16 -9.26
CA LEU A 109 5.26 -5.20 -8.28
C LEU A 109 6.50 -4.51 -8.82
N ASP A 110 7.36 -5.28 -9.48
CA ASP A 110 8.54 -4.72 -10.12
C ASP A 110 8.15 -3.67 -11.14
N ALA A 111 7.10 -3.96 -11.90
CA ALA A 111 6.58 -3.01 -12.88
C ALA A 111 5.98 -1.79 -12.19
N ILE A 112 5.19 -2.03 -11.15
CA ILE A 112 4.60 -0.96 -10.36
C ILE A 112 5.67 -0.04 -9.78
N THR A 113 6.66 -0.64 -9.14
CA THR A 113 7.74 0.11 -8.52
C THR A 113 8.51 0.92 -9.55
N GLU A 114 8.78 0.32 -10.71
CA GLU A 114 9.47 1.00 -11.79
C GLU A 114 8.62 2.14 -12.33
N LYS A 115 7.35 1.84 -12.59
CA LYS A 115 6.41 2.82 -13.10
C LYS A 115 6.32 4.04 -12.20
N LEU A 116 6.01 3.82 -10.93
CA LEU A 116 5.80 4.91 -9.99
C LEU A 116 7.09 5.68 -9.73
N ALA A 117 8.22 4.99 -9.79
CA ALA A 117 9.51 5.64 -9.61
C ALA A 117 9.74 6.68 -10.70
N LYS A 118 9.32 6.34 -11.91
CA LYS A 118 9.48 7.21 -13.06
C LYS A 118 8.29 8.15 -13.21
N LEU A 119 7.18 7.82 -12.57
CA LEU A 119 5.97 8.62 -12.67
C LEU A 119 5.87 9.54 -11.45
N GLU A 120 6.97 9.66 -10.71
CA GLU A 120 6.99 10.46 -9.50
C GLU A 120 5.80 10.11 -8.62
N ASN A 18 4.35 11.41 -4.15
CA ASN A 18 5.36 11.13 -5.18
C ASN A 18 6.73 10.84 -4.56
N TRP A 19 7.05 9.56 -4.42
CA TRP A 19 8.32 9.17 -3.81
C TRP A 19 9.28 8.66 -4.89
N ASP A 20 10.55 8.53 -4.55
CA ASP A 20 11.55 8.03 -5.49
C ASP A 20 11.68 6.52 -5.36
N ASP A 21 12.14 5.86 -6.42
CA ASP A 21 12.26 4.39 -6.45
C ASP A 21 12.93 3.86 -5.19
N ALA A 22 14.10 4.40 -4.89
CA ALA A 22 14.86 3.99 -3.74
C ALA A 22 14.29 4.63 -2.48
N ASP A 23 13.91 5.90 -2.61
CA ASP A 23 13.32 6.65 -1.50
C ASP A 23 12.13 5.91 -0.88
N VAL A 24 11.27 5.33 -1.71
CA VAL A 24 10.15 4.51 -1.23
C VAL A 24 10.65 3.43 -0.30
N LYS A 25 11.64 2.68 -0.77
CA LYS A 25 12.19 1.56 -0.04
C LYS A 25 12.95 2.03 1.20
N LYS A 26 13.50 3.25 1.13
CA LYS A 26 14.16 3.85 2.28
C LYS A 26 13.14 4.22 3.35
N ARG A 27 12.02 4.81 2.93
CA ARG A 27 10.97 5.21 3.85
C ARG A 27 10.44 4.00 4.60
N TRP A 28 10.29 2.89 3.89
CA TRP A 28 9.84 1.64 4.49
C TRP A 28 10.69 1.29 5.70
N ASP A 29 12.01 1.36 5.53
CA ASP A 29 12.95 1.06 6.60
C ASP A 29 12.91 2.13 7.69
N ALA A 30 12.90 3.39 7.25
CA ALA A 30 12.88 4.53 8.17
C ALA A 30 11.69 4.47 9.11
N PHE A 31 10.49 4.29 8.58
CA PHE A 31 9.28 4.26 9.39
C PHE A 31 9.25 3.02 10.28
N THR A 32 10.04 2.03 9.93
CA THR A 32 10.21 0.85 10.76
C THR A 32 11.01 1.20 12.03
N LYS A 33 12.04 2.04 11.85
CA LYS A 33 12.90 2.43 12.95
C LYS A 33 12.85 3.93 13.22
N PHE A 34 13.54 4.71 12.40
CA PHE A 34 13.73 6.13 12.67
C PHE A 34 13.01 7.00 11.64
N GLY A 35 12.03 7.75 12.10
CA GLY A 35 11.34 8.67 11.19
C GLY A 35 9.85 8.75 11.46
N ALA A 36 9.30 7.71 12.06
CA ALA A 36 7.87 7.65 12.34
C ALA A 36 7.53 8.44 13.60
N ALA A 37 7.89 9.71 13.59
CA ALA A 37 7.65 10.57 14.74
C ALA A 37 6.56 11.59 14.44
N THR A 38 6.67 12.25 13.30
CA THR A 38 5.71 13.28 12.91
C THR A 38 4.31 12.69 12.69
N ALA A 39 4.28 11.45 12.21
CA ALA A 39 3.02 10.77 11.96
C ALA A 39 2.75 9.72 13.03
N THR A 40 1.57 9.76 13.62
CA THR A 40 1.19 8.79 14.63
C THR A 40 1.10 7.39 14.02
N GLU A 41 0.69 7.34 12.76
CA GLU A 41 0.58 6.11 11.99
C GLU A 41 0.15 6.51 10.59
N MET A 42 -0.30 5.55 9.78
CA MET A 42 -0.74 5.89 8.43
C MET A 42 -2.18 6.37 8.45
N THR A 43 -2.37 7.66 8.22
CA THR A 43 -3.69 8.26 8.24
C THR A 43 -4.53 7.79 7.06
N GLY A 44 -5.67 7.17 7.36
CA GLY A 44 -6.53 6.61 6.33
C GLY A 44 -6.93 7.62 5.27
N LYS A 45 -7.15 8.87 5.69
CA LYS A 45 -7.50 9.94 4.77
C LYS A 45 -6.42 10.11 3.70
N ASN A 46 -5.20 10.38 4.15
CA ASN A 46 -4.08 10.59 3.24
C ASN A 46 -3.83 9.33 2.43
N PHE A 47 -3.99 8.19 3.07
CA PHE A 47 -3.77 6.90 2.44
C PHE A 47 -4.73 6.70 1.25
N ASP A 48 -6.01 6.99 1.47
CA ASP A 48 -7.02 6.84 0.43
C ASP A 48 -6.69 7.70 -0.78
N LYS A 49 -6.20 8.90 -0.52
CA LYS A 49 -5.95 9.86 -1.58
C LYS A 49 -4.68 9.45 -2.31
N TRP A 50 -3.67 9.10 -1.54
CA TRP A 50 -2.42 8.57 -2.06
C TRP A 50 -2.69 7.36 -2.96
N LEU A 51 -3.59 6.50 -2.53
CA LEU A 51 -3.88 5.27 -3.26
C LEU A 51 -4.64 5.55 -4.56
N LYS A 52 -5.64 6.41 -4.48
CA LYS A 52 -6.46 6.75 -5.63
C LYS A 52 -5.68 7.58 -6.65
N ASP A 53 -4.94 8.56 -6.16
CA ASP A 53 -4.22 9.49 -7.03
C ASP A 53 -3.09 8.79 -7.78
N ALA A 54 -2.39 7.90 -7.08
CA ALA A 54 -1.31 7.12 -7.68
C ALA A 54 -1.86 6.21 -8.79
N GLY A 55 -3.12 5.81 -8.64
CA GLY A 55 -3.74 4.96 -9.63
C GLY A 55 -3.60 3.50 -9.29
N VAL A 56 -3.50 3.21 -7.99
CA VAL A 56 -3.35 1.85 -7.52
C VAL A 56 -4.67 1.34 -6.96
N LEU A 57 -5.36 2.21 -6.24
CA LEU A 57 -6.64 1.86 -5.64
C LEU A 57 -7.78 2.52 -6.42
N ASP A 58 -8.83 1.74 -6.65
CA ASP A 58 -9.97 2.15 -7.46
C ASP A 58 -9.55 2.38 -8.91
N ASN A 59 -9.83 1.40 -9.74
CA ASN A 59 -9.41 1.41 -11.13
C ASN A 59 -10.37 0.57 -11.97
N LYS A 60 -10.64 -0.63 -11.50
CA LYS A 60 -11.56 -1.53 -12.17
C LYS A 60 -11.85 -2.75 -11.30
N ALA A 61 -10.81 -3.53 -11.03
CA ALA A 61 -10.96 -4.77 -10.27
C ALA A 61 -11.00 -4.51 -8.75
N ILE A 62 -11.03 -3.24 -8.38
CA ILE A 62 -11.03 -2.86 -6.97
C ILE A 62 -12.45 -2.84 -6.43
N THR A 63 -12.72 -3.75 -5.50
CA THR A 63 -14.04 -3.87 -4.89
C THR A 63 -13.94 -3.73 -3.38
N GLY A 64 -15.07 -3.49 -2.72
CA GLY A 64 -15.09 -3.45 -1.27
C GLY A 64 -14.87 -4.83 -0.68
N THR A 65 -15.08 -5.85 -1.51
CA THR A 65 -14.89 -7.23 -1.11
C THR A 65 -13.40 -7.55 -0.93
N MET A 66 -12.62 -7.33 -1.99
CA MET A 66 -11.19 -7.61 -1.95
C MET A 66 -10.48 -6.67 -0.98
N THR A 67 -10.79 -5.39 -1.06
CA THR A 67 -10.13 -4.39 -0.25
C THR A 67 -10.49 -4.54 1.22
N GLY A 68 -11.75 -4.88 1.49
CA GLY A 68 -12.22 -5.06 2.86
C GLY A 68 -11.42 -6.08 3.62
N ILE A 69 -11.18 -7.22 2.97
CA ILE A 69 -10.38 -8.29 3.56
C ILE A 69 -8.97 -7.80 3.89
N ALA A 70 -8.39 -7.08 2.95
CA ALA A 70 -7.05 -6.51 3.13
C ALA A 70 -7.01 -5.58 4.33
N PHE A 71 -7.91 -4.61 4.34
CA PHE A 71 -7.99 -3.65 5.44
C PHE A 71 -8.23 -4.34 6.78
N SER A 72 -9.14 -5.32 6.80
CA SER A 72 -9.47 -6.04 8.01
C SER A 72 -8.23 -6.69 8.65
N LYS A 73 -7.30 -7.16 7.83
CA LYS A 73 -6.06 -7.76 8.34
C LYS A 73 -5.07 -6.69 8.77
N VAL A 74 -5.04 -5.58 8.04
CA VAL A 74 -4.24 -4.43 8.41
C VAL A 74 -4.72 -3.85 9.73
N THR A 75 -5.93 -3.30 9.70
CA THR A 75 -6.57 -2.75 10.88
C THR A 75 -7.98 -2.30 10.53
N GLY A 76 -8.96 -3.14 10.86
CA GLY A 76 -10.35 -2.81 10.62
C GLY A 76 -10.79 -1.58 11.40
N PRO A 77 -10.57 -1.55 12.73
CA PRO A 77 -10.85 -0.38 13.54
C PRO A 77 -9.74 0.68 13.45
N LYS A 78 -9.84 1.70 14.29
CA LYS A 78 -8.89 2.81 14.28
C LYS A 78 -7.62 2.47 15.05
N LYS A 79 -7.66 1.37 15.78
CA LYS A 79 -6.54 0.88 16.60
C LYS A 79 -5.18 0.96 15.88
N LYS A 80 -5.17 0.71 14.56
CA LYS A 80 -3.96 0.84 13.72
C LYS A 80 -2.96 -0.28 13.97
N ALA A 81 -1.89 -0.32 13.20
CA ALA A 81 -0.87 -1.34 13.37
C ALA A 81 0.53 -0.74 13.48
N THR A 82 1.13 -0.43 12.34
CA THR A 82 2.52 0.03 12.28
C THR A 82 2.97 0.05 10.82
N PHE A 83 4.26 -0.07 10.56
CA PHE A 83 4.76 -0.13 9.19
C PHE A 83 4.16 -1.33 8.45
N ASP A 84 3.90 -2.41 9.19
CA ASP A 84 3.30 -3.62 8.64
C ASP A 84 1.90 -3.34 8.07
N GLU A 85 1.21 -2.42 8.74
CA GLU A 85 -0.08 -1.93 8.29
C GLU A 85 -0.02 -1.46 6.84
N THR A 86 0.92 -0.56 6.56
CA THR A 86 1.06 0.04 5.24
C THR A 86 1.46 -0.99 4.19
N LYS A 87 2.48 -1.78 4.48
CA LYS A 87 2.96 -2.79 3.53
C LYS A 87 1.89 -3.84 3.23
N LYS A 88 1.10 -4.19 4.24
CA LYS A 88 0.04 -5.17 4.06
C LYS A 88 -0.95 -4.72 3.00
N VAL A 89 -1.44 -3.49 3.12
CA VAL A 89 -2.44 -2.98 2.17
C VAL A 89 -1.90 -3.02 0.74
N LEU A 90 -0.70 -2.49 0.56
CA LEU A 90 -0.08 -2.42 -0.77
C LEU A 90 0.15 -3.81 -1.34
N ALA A 91 0.48 -4.75 -0.48
CA ALA A 91 0.74 -6.12 -0.93
C ALA A 91 -0.55 -6.80 -1.39
N PHE A 92 -1.61 -6.70 -0.57
CA PHE A 92 -2.87 -7.37 -0.88
C PHE A 92 -3.49 -6.86 -2.17
N VAL A 93 -3.52 -5.54 -2.36
CA VAL A 93 -4.12 -4.96 -3.56
C VAL A 93 -3.34 -5.35 -4.81
N ALA A 94 -2.02 -5.27 -4.74
CA ALA A 94 -1.18 -5.67 -5.85
C ALA A 94 -1.33 -7.17 -6.13
N GLU A 95 -1.41 -7.95 -5.06
CA GLU A 95 -1.53 -9.40 -5.17
C GLU A 95 -2.78 -9.79 -5.94
N ASP A 96 -3.94 -9.32 -5.48
CA ASP A 96 -5.21 -9.69 -6.11
C ASP A 96 -5.21 -9.37 -7.60
N ARG A 97 -4.80 -8.15 -7.93
CA ARG A 97 -4.79 -7.70 -9.32
C ARG A 97 -3.82 -8.55 -10.16
N ALA A 98 -2.62 -8.75 -9.64
CA ALA A 98 -1.59 -9.44 -10.39
C ALA A 98 -1.84 -10.95 -10.45
N ARG A 99 -2.27 -11.52 -9.33
CA ARG A 99 -2.46 -12.96 -9.21
C ARG A 99 -3.57 -13.48 -10.10
N GLN A 100 -4.73 -12.83 -10.06
CA GLN A 100 -5.89 -13.33 -10.79
C GLN A 100 -5.74 -13.07 -12.29
N SER A 101 -4.87 -12.14 -12.65
CA SER A 101 -4.65 -11.82 -14.04
C SER A 101 -3.49 -12.64 -14.60
N LYS A 102 -2.32 -12.49 -13.99
CA LYS A 102 -1.16 -13.25 -14.42
C LYS A 102 -0.92 -14.43 -13.48
N LYS A 103 -0.37 -14.13 -12.29
CA LYS A 103 -0.10 -15.13 -11.24
C LYS A 103 0.81 -14.54 -10.15
N PRO A 104 2.03 -14.06 -10.51
CA PRO A 104 2.95 -13.44 -9.55
C PRO A 104 2.49 -12.07 -9.09
N ILE A 105 2.88 -11.70 -7.88
CA ILE A 105 2.52 -10.41 -7.29
C ILE A 105 3.57 -9.34 -7.61
N GLN A 106 4.84 -9.74 -7.58
CA GLN A 106 5.97 -8.81 -7.72
C GLN A 106 5.83 -7.88 -8.92
N ASP A 107 5.25 -8.39 -10.01
CA ASP A 107 5.07 -7.61 -11.23
C ASP A 107 4.37 -6.28 -10.94
N GLU A 108 3.26 -6.34 -10.25
CA GLU A 108 2.46 -5.14 -9.99
C GLU A 108 3.11 -4.23 -8.97
N LEU A 109 3.77 -4.78 -7.96
CA LEU A 109 4.43 -3.96 -6.96
C LEU A 109 5.54 -3.16 -7.62
N ASP A 110 6.33 -3.83 -8.45
CA ASP A 110 7.41 -3.17 -9.17
C ASP A 110 6.84 -2.09 -10.09
N ALA A 111 5.66 -2.36 -10.64
CA ALA A 111 4.96 -1.38 -11.46
C ALA A 111 4.58 -0.16 -10.63
N ILE A 112 4.01 -0.39 -9.45
CA ILE A 112 3.66 0.69 -8.52
C ILE A 112 4.89 1.52 -8.17
N THR A 113 5.95 0.81 -7.79
CA THR A 113 7.22 1.43 -7.44
C THR A 113 7.76 2.24 -8.63
N GLU A 114 7.64 1.66 -9.83
CA GLU A 114 8.03 2.32 -11.06
C GLU A 114 7.22 3.59 -11.31
N LYS A 115 5.92 3.51 -11.04
CA LYS A 115 5.02 4.65 -11.26
C LYS A 115 5.55 5.89 -10.55
N LEU A 116 5.86 5.75 -9.27
CA LEU A 116 6.34 6.88 -8.46
C LEU A 116 7.62 7.46 -9.04
N ALA A 117 8.51 6.59 -9.49
CA ALA A 117 9.76 7.02 -10.10
C ALA A 117 9.47 7.83 -11.37
N LYS A 118 8.47 7.37 -12.11
CA LYS A 118 8.04 8.05 -13.33
C LYS A 118 7.24 9.31 -13.01
N LEU A 119 6.77 9.43 -11.76
CA LEU A 119 6.02 10.60 -11.34
C LEU A 119 6.95 11.77 -11.02
N GLU A 120 8.07 11.84 -11.74
CA GLU A 120 9.05 12.91 -11.59
C GLU A 120 9.76 12.85 -10.25
N ASN A 18 4.78 13.92 -1.66
CA ASN A 18 5.25 12.94 -2.62
C ASN A 18 6.59 12.37 -2.17
N TRP A 19 6.61 11.09 -1.91
CA TRP A 19 7.84 10.40 -1.53
C TRP A 19 8.86 10.38 -2.67
N ASP A 20 10.11 10.53 -2.30
CA ASP A 20 11.23 10.59 -3.25
C ASP A 20 11.60 9.19 -3.72
N ASP A 21 12.43 9.10 -4.77
CA ASP A 21 12.94 7.82 -5.26
C ASP A 21 13.54 7.00 -4.13
N ALA A 22 14.25 7.70 -3.27
CA ALA A 22 14.88 7.08 -2.12
C ALA A 22 13.87 6.94 -0.99
N ASP A 23 13.06 7.96 -0.79
CA ASP A 23 12.10 7.99 0.32
C ASP A 23 11.05 6.90 0.18
N VAL A 24 10.57 6.65 -1.04
CA VAL A 24 9.53 5.65 -1.29
C VAL A 24 9.93 4.29 -0.71
N LYS A 25 11.20 3.94 -0.84
CA LYS A 25 11.70 2.69 -0.30
C LYS A 25 12.11 2.86 1.15
N LYS A 26 12.90 3.89 1.41
CA LYS A 26 13.45 4.12 2.75
C LYS A 26 12.36 4.30 3.79
N ARG A 27 11.28 4.99 3.43
CA ARG A 27 10.13 5.16 4.31
C ARG A 27 9.64 3.78 4.80
N TRP A 28 9.66 2.79 3.91
CA TRP A 28 9.31 1.43 4.26
C TRP A 28 10.45 0.78 5.05
N ASP A 29 11.67 0.97 4.57
CA ASP A 29 12.85 0.34 5.14
C ASP A 29 13.11 0.78 6.57
N ALA A 30 13.03 2.09 6.81
CA ALA A 30 13.37 2.68 8.11
C ALA A 30 12.56 2.08 9.24
N PHE A 31 11.23 2.16 9.13
CA PHE A 31 10.35 1.63 10.15
C PHE A 31 10.56 0.14 10.35
N THR A 32 11.00 -0.54 9.29
CA THR A 32 11.32 -1.95 9.36
C THR A 32 12.63 -2.18 10.10
N LYS A 33 13.62 -1.35 9.80
CA LYS A 33 14.94 -1.47 10.38
C LYS A 33 14.89 -1.25 11.90
N PHE A 34 14.08 -0.30 12.33
CA PHE A 34 13.93 -0.02 13.75
C PHE A 34 12.92 -0.97 14.38
N GLY A 35 11.78 -1.13 13.72
CA GLY A 35 10.69 -1.90 14.28
C GLY A 35 9.64 -1.01 14.90
N ALA A 36 9.35 0.08 14.21
CA ALA A 36 8.45 1.10 14.72
C ALA A 36 7.02 0.82 14.32
N ALA A 37 6.21 0.42 15.28
CA ALA A 37 4.83 0.02 15.01
C ALA A 37 3.84 1.05 15.56
N THR A 38 4.30 1.90 16.45
CA THR A 38 3.45 2.94 17.03
C THR A 38 3.97 4.31 16.61
N ALA A 39 4.22 4.45 15.32
CA ALA A 39 4.72 5.69 14.77
C ALA A 39 4.15 5.91 13.37
N THR A 40 3.64 7.12 13.15
CA THR A 40 3.11 7.50 11.84
C THR A 40 1.86 6.67 11.49
N GLU A 41 1.04 6.42 12.49
CA GLU A 41 -0.24 5.77 12.25
C GLU A 41 -1.16 6.72 11.50
N MET A 42 -1.38 6.44 10.23
CA MET A 42 -2.15 7.31 9.37
C MET A 42 -3.64 7.02 9.50
N THR A 43 -4.47 8.03 9.32
CA THR A 43 -5.91 7.84 9.41
C THR A 43 -6.48 7.41 8.07
N GLY A 44 -7.62 6.72 8.12
CA GLY A 44 -8.25 6.20 6.92
C GLY A 44 -8.50 7.25 5.85
N LYS A 45 -8.86 8.46 6.27
CA LYS A 45 -9.14 9.54 5.33
C LYS A 45 -7.89 9.86 4.50
N ASN A 46 -6.77 10.04 5.18
CA ASN A 46 -5.52 10.38 4.52
C ASN A 46 -4.98 9.19 3.75
N PHE A 47 -5.23 8.00 4.27
CA PHE A 47 -4.75 6.77 3.64
C PHE A 47 -5.48 6.54 2.31
N ASP A 48 -6.81 6.69 2.34
CA ASP A 48 -7.64 6.55 1.13
C ASP A 48 -7.24 7.59 0.09
N LYS A 49 -6.88 8.77 0.56
CA LYS A 49 -6.53 9.88 -0.31
C LYS A 49 -5.20 9.62 -0.99
N TRP A 50 -4.22 9.27 -0.17
CA TRP A 50 -2.89 8.90 -0.64
C TRP A 50 -2.96 7.72 -1.60
N LEU A 51 -3.85 6.78 -1.29
CA LEU A 51 -3.94 5.55 -2.08
C LEU A 51 -4.64 5.79 -3.41
N LYS A 52 -5.63 6.67 -3.42
CA LYS A 52 -6.35 7.00 -4.64
C LYS A 52 -5.44 7.71 -5.64
N ASP A 53 -4.53 8.53 -5.15
CA ASP A 53 -3.56 9.21 -6.02
C ASP A 53 -2.51 8.24 -6.54
N ALA A 54 -2.25 7.20 -5.76
CA ALA A 54 -1.28 6.19 -6.14
C ALA A 54 -1.81 5.32 -7.28
N GLY A 55 -3.12 5.16 -7.33
CA GLY A 55 -3.73 4.36 -8.39
C GLY A 55 -3.89 2.91 -7.97
N VAL A 56 -3.61 2.64 -6.70
CA VAL A 56 -3.74 1.30 -6.16
C VAL A 56 -5.13 1.12 -5.58
N LEU A 57 -5.65 2.19 -4.99
CA LEU A 57 -6.96 2.19 -4.38
C LEU A 57 -7.83 3.24 -5.06
N ASP A 58 -9.13 3.01 -5.07
CA ASP A 58 -10.06 3.99 -5.61
C ASP A 58 -11.05 4.40 -4.54
N ASN A 59 -12.22 3.75 -4.52
CA ASN A 59 -13.28 4.00 -3.55
C ASN A 59 -14.58 3.38 -4.03
N LYS A 60 -14.88 3.59 -5.29
CA LYS A 60 -16.12 3.13 -5.89
C LYS A 60 -15.86 1.87 -6.71
N ALA A 61 -14.84 1.95 -7.56
CA ALA A 61 -14.48 0.83 -8.42
C ALA A 61 -14.04 -0.38 -7.62
N ILE A 62 -13.32 -0.12 -6.52
CA ILE A 62 -12.83 -1.18 -5.65
C ILE A 62 -14.00 -1.85 -4.95
N THR A 63 -14.05 -3.16 -5.12
CA THR A 63 -15.12 -3.97 -4.59
C THR A 63 -15.17 -3.93 -3.06
N GLY A 64 -16.38 -3.84 -2.51
CA GLY A 64 -16.56 -3.78 -1.08
C GLY A 64 -16.00 -5.02 -0.38
N THR A 65 -16.16 -6.18 -1.01
CA THR A 65 -15.60 -7.42 -0.50
C THR A 65 -14.07 -7.31 -0.41
N MET A 66 -13.48 -6.91 -1.52
CA MET A 66 -12.03 -6.79 -1.66
C MET A 66 -11.45 -5.84 -0.62
N THR A 67 -12.00 -4.63 -0.56
CA THR A 67 -11.50 -3.61 0.35
C THR A 67 -11.78 -3.99 1.80
N GLY A 68 -12.93 -4.61 2.05
CA GLY A 68 -13.29 -5.01 3.39
C GLY A 68 -12.32 -6.02 3.97
N ILE A 69 -11.95 -7.01 3.16
CA ILE A 69 -10.99 -8.02 3.60
C ILE A 69 -9.63 -7.38 3.84
N ALA A 70 -9.27 -6.42 3.00
CA ALA A 70 -8.02 -5.69 3.18
C ALA A 70 -7.98 -5.02 4.55
N PHE A 71 -9.02 -4.26 4.86
CA PHE A 71 -9.12 -3.60 6.17
C PHE A 71 -9.05 -4.60 7.31
N SER A 72 -9.77 -5.71 7.16
CA SER A 72 -9.79 -6.75 8.19
C SER A 72 -8.40 -7.37 8.35
N LYS A 73 -7.62 -7.36 7.29
CA LYS A 73 -6.30 -7.98 7.29
C LYS A 73 -5.24 -7.03 7.85
N VAL A 74 -5.38 -5.73 7.56
CA VAL A 74 -4.42 -4.75 8.01
C VAL A 74 -4.44 -4.59 9.53
N THR A 75 -5.64 -4.54 10.11
CA THR A 75 -5.78 -4.38 11.56
C THR A 75 -7.26 -4.31 11.97
N GLY A 76 -8.13 -3.95 11.04
CA GLY A 76 -9.54 -3.83 11.36
C GLY A 76 -10.07 -2.45 11.00
N PRO A 77 -9.91 -1.47 11.89
CA PRO A 77 -10.32 -0.10 11.64
C PRO A 77 -9.28 0.68 10.85
N LYS A 78 -9.73 1.41 9.82
CA LYS A 78 -8.83 2.20 8.99
C LYS A 78 -8.22 3.37 9.77
N LYS A 79 -8.77 3.62 10.96
CA LYS A 79 -8.31 4.72 11.81
C LYS A 79 -6.80 4.63 12.06
N LYS A 80 -6.26 3.42 12.18
CA LYS A 80 -4.84 3.23 12.39
C LYS A 80 -4.21 2.46 11.25
N ALA A 81 -3.58 3.19 10.34
CA ALA A 81 -2.87 2.61 9.24
C ALA A 81 -1.38 2.89 9.41
N THR A 82 -0.73 2.01 10.15
CA THR A 82 0.68 2.16 10.47
C THR A 82 1.53 1.01 9.91
N PHE A 83 2.70 0.79 10.51
CA PHE A 83 3.74 -0.12 10.02
C PHE A 83 3.20 -1.44 9.44
N ASP A 84 2.69 -2.32 10.29
CA ASP A 84 2.22 -3.63 9.84
C ASP A 84 0.96 -3.51 9.00
N GLU A 85 0.18 -2.50 9.30
CA GLU A 85 -1.07 -2.25 8.59
C GLU A 85 -0.79 -1.99 7.11
N THR A 86 0.00 -0.96 6.84
CA THR A 86 0.26 -0.52 5.48
C THR A 86 0.96 -1.59 4.66
N LYS A 87 1.79 -2.39 5.33
CA LYS A 87 2.44 -3.51 4.67
C LYS A 87 1.42 -4.53 4.22
N LYS A 88 0.35 -4.67 5.00
CA LYS A 88 -0.72 -5.58 4.64
C LYS A 88 -1.55 -5.03 3.48
N VAL A 89 -1.84 -3.73 3.50
CA VAL A 89 -2.64 -3.12 2.45
C VAL A 89 -1.95 -3.30 1.10
N LEU A 90 -0.73 -2.80 0.99
CA LEU A 90 0.02 -2.84 -0.26
C LEU A 90 0.22 -4.28 -0.73
N ALA A 91 0.47 -5.18 0.21
CA ALA A 91 0.73 -6.58 -0.12
C ALA A 91 -0.55 -7.28 -0.54
N PHE A 92 -1.64 -7.07 0.20
CA PHE A 92 -2.90 -7.76 -0.07
C PHE A 92 -3.49 -7.31 -1.41
N VAL A 93 -3.53 -6.00 -1.63
CA VAL A 93 -4.09 -5.46 -2.87
C VAL A 93 -3.30 -5.98 -4.06
N ALA A 94 -1.97 -5.95 -3.96
CA ALA A 94 -1.11 -6.51 -5.00
C ALA A 94 -1.41 -7.99 -5.19
N GLU A 95 -1.52 -8.72 -4.09
CA GLU A 95 -1.83 -10.15 -4.13
C GLU A 95 -3.14 -10.40 -4.88
N ASP A 96 -4.21 -9.73 -4.44
CA ASP A 96 -5.54 -9.95 -4.98
C ASP A 96 -5.62 -9.56 -6.45
N ARG A 97 -4.91 -8.52 -6.83
CA ARG A 97 -4.89 -8.08 -8.23
C ARG A 97 -4.06 -9.04 -9.07
N ALA A 98 -3.07 -9.67 -8.45
CA ALA A 98 -2.14 -10.53 -9.15
C ALA A 98 -2.68 -11.95 -9.35
N ARG A 99 -3.07 -12.60 -8.26
CA ARG A 99 -3.43 -14.03 -8.31
C ARG A 99 -4.56 -14.31 -9.30
N GLN A 100 -5.37 -13.28 -9.59
CA GLN A 100 -6.44 -13.40 -10.57
C GLN A 100 -5.92 -13.25 -12.00
N SER A 101 -5.19 -12.19 -12.27
CA SER A 101 -4.80 -11.84 -13.64
C SER A 101 -3.36 -12.23 -13.97
N LYS A 102 -2.42 -11.84 -13.10
CA LYS A 102 -1.00 -11.93 -13.42
C LYS A 102 -0.37 -13.25 -12.97
N LYS A 103 -0.83 -13.75 -11.81
CA LYS A 103 -0.28 -14.93 -11.11
C LYS A 103 0.71 -14.55 -9.99
N PRO A 104 1.93 -14.04 -10.29
CA PRO A 104 2.87 -13.62 -9.25
C PRO A 104 2.51 -12.27 -8.65
N ILE A 105 2.32 -12.23 -7.34
CA ILE A 105 1.99 -11.00 -6.64
C ILE A 105 3.12 -9.98 -6.76
N GLN A 106 4.36 -10.47 -6.71
CA GLN A 106 5.54 -9.62 -6.80
C GLN A 106 5.54 -8.84 -8.11
N ASP A 107 5.11 -9.49 -9.18
CA ASP A 107 5.06 -8.87 -10.51
C ASP A 107 4.18 -7.63 -10.49
N GLU A 108 3.02 -7.75 -9.86
CA GLU A 108 2.09 -6.65 -9.77
C GLU A 108 2.59 -5.57 -8.82
N LEU A 109 3.28 -5.97 -7.75
CA LEU A 109 3.84 -5.01 -6.81
C LEU A 109 4.91 -4.18 -7.49
N ASP A 110 5.71 -4.83 -8.33
CA ASP A 110 6.75 -4.14 -9.09
C ASP A 110 6.13 -3.05 -9.96
N ALA A 111 5.01 -3.40 -10.59
CA ALA A 111 4.26 -2.44 -11.41
C ALA A 111 3.75 -1.28 -10.56
N ILE A 112 3.28 -1.59 -9.37
CA ILE A 112 2.82 -0.57 -8.43
C ILE A 112 3.99 0.33 -8.02
N THR A 113 5.09 -0.30 -7.64
CA THR A 113 6.29 0.44 -7.24
C THR A 113 6.78 1.33 -8.39
N GLU A 114 6.72 0.80 -9.60
CA GLU A 114 7.07 1.56 -10.81
C GLU A 114 6.11 2.73 -11.00
N LYS A 115 4.82 2.49 -10.74
CA LYS A 115 3.79 3.52 -10.86
C LYS A 115 4.18 4.80 -10.11
N LEU A 116 4.64 4.66 -8.87
CA LEU A 116 5.07 5.81 -8.08
C LEU A 116 6.27 6.49 -8.74
N ALA A 117 7.19 5.69 -9.26
CA ALA A 117 8.35 6.21 -9.96
C ALA A 117 7.92 7.04 -11.16
N LYS A 118 6.88 6.56 -11.84
CA LYS A 118 6.31 7.26 -12.98
C LYS A 118 5.61 8.55 -12.54
N LEU A 119 5.34 8.67 -11.24
CA LEU A 119 4.71 9.88 -10.71
C LEU A 119 5.74 10.93 -10.30
N GLU A 120 6.91 10.88 -10.96
CA GLU A 120 8.00 11.83 -10.74
C GLU A 120 8.63 11.67 -9.36
N ASN A 18 4.84 14.03 -3.17
CA ASN A 18 4.94 12.82 -3.97
C ASN A 18 6.12 12.02 -3.47
N TRP A 19 5.85 10.84 -2.96
CA TRP A 19 6.89 9.95 -2.45
C TRP A 19 8.01 9.74 -3.47
N ASP A 20 9.24 9.72 -2.96
CA ASP A 20 10.44 9.78 -3.79
C ASP A 20 10.85 8.40 -4.30
N ASP A 21 11.61 8.40 -5.39
CA ASP A 21 12.15 7.18 -6.01
C ASP A 21 12.89 6.33 -4.98
N ALA A 22 13.71 7.00 -4.18
CA ALA A 22 14.48 6.34 -3.14
C ALA A 22 13.67 6.17 -1.88
N ASP A 23 12.88 7.20 -1.56
CA ASP A 23 12.05 7.22 -0.36
C ASP A 23 11.21 5.96 -0.23
N VAL A 24 10.49 5.58 -1.29
CA VAL A 24 9.61 4.41 -1.22
C VAL A 24 10.38 3.14 -0.86
N LYS A 25 11.64 3.05 -1.27
CA LYS A 25 12.46 1.89 -0.96
C LYS A 25 12.91 1.92 0.50
N LYS A 26 13.21 3.10 0.99
CA LYS A 26 13.80 3.24 2.32
C LYS A 26 12.72 3.31 3.40
N ARG A 27 11.67 4.08 3.12
CA ARG A 27 10.62 4.35 4.11
C ARG A 27 9.65 3.17 4.22
N TRP A 28 9.20 2.66 3.09
CA TRP A 28 8.19 1.60 3.07
C TRP A 28 8.77 0.33 3.69
N ASP A 29 10.07 0.14 3.51
CA ASP A 29 10.77 -0.97 4.14
C ASP A 29 10.83 -0.76 5.64
N ALA A 30 11.16 0.47 6.03
CA ALA A 30 11.24 0.85 7.44
C ALA A 30 9.96 0.51 8.18
N PHE A 31 8.81 0.79 7.57
CA PHE A 31 7.50 0.47 8.16
C PHE A 31 7.41 -0.99 8.58
N THR A 32 8.05 -1.84 7.80
CA THR A 32 7.99 -3.28 8.03
C THR A 32 9.04 -3.71 9.07
N LYS A 33 10.23 -3.15 8.95
CA LYS A 33 11.35 -3.57 9.78
C LYS A 33 11.34 -2.85 11.13
N PHE A 34 11.35 -1.53 11.08
CA PHE A 34 11.43 -0.72 12.30
C PHE A 34 10.09 -0.02 12.57
N GLY A 35 9.85 1.06 11.84
CA GLY A 35 8.61 1.78 11.94
C GLY A 35 8.68 3.08 11.18
N ALA A 36 8.67 4.18 11.92
CA ALA A 36 8.70 5.53 11.34
C ALA A 36 8.60 6.57 12.44
N ALA A 37 8.81 7.83 12.08
CA ALA A 37 8.68 8.93 13.03
C ALA A 37 7.79 10.03 12.46
N THR A 38 7.98 10.34 11.19
CA THR A 38 7.17 11.34 10.50
C THR A 38 5.81 10.75 10.11
N ALA A 39 5.68 9.45 10.30
CA ALA A 39 4.46 8.74 10.00
C ALA A 39 4.15 7.77 11.13
N THR A 40 2.90 7.73 11.55
CA THR A 40 2.49 6.85 12.65
C THR A 40 1.01 6.52 12.56
N GLU A 41 0.20 7.49 12.16
CA GLU A 41 -1.24 7.32 12.16
C GLU A 41 -1.81 7.34 10.75
N MET A 42 -2.46 6.24 10.37
CA MET A 42 -3.18 6.18 9.12
C MET A 42 -4.67 6.29 9.38
N THR A 43 -5.40 6.89 8.45
CA THR A 43 -6.84 7.03 8.57
C THR A 43 -7.54 6.55 7.32
N GLY A 44 -8.70 5.93 7.49
CA GLY A 44 -9.45 5.39 6.37
C GLY A 44 -9.79 6.44 5.34
N LYS A 45 -10.17 7.62 5.82
CA LYS A 45 -10.51 8.73 4.94
C LYS A 45 -9.33 9.11 4.04
N ASN A 46 -8.17 9.31 4.66
CA ASN A 46 -6.98 9.70 3.92
C ASN A 46 -6.53 8.59 2.99
N PHE A 47 -6.49 7.37 3.50
CA PHE A 47 -6.03 6.23 2.70
C PHE A 47 -6.97 5.97 1.53
N ASP A 48 -8.27 6.11 1.78
CA ASP A 48 -9.27 5.94 0.72
C ASP A 48 -9.07 6.97 -0.39
N LYS A 49 -8.54 8.13 -0.02
CA LYS A 49 -8.30 9.20 -0.97
C LYS A 49 -6.97 8.99 -1.67
N TRP A 50 -5.95 8.72 -0.87
CA TRP A 50 -4.61 8.40 -1.35
C TRP A 50 -4.66 7.30 -2.40
N LEU A 51 -5.43 6.27 -2.12
CA LEU A 51 -5.42 5.08 -2.97
C LEU A 51 -6.38 5.23 -4.14
N LYS A 52 -7.50 5.92 -3.91
CA LYS A 52 -8.48 6.15 -4.98
C LYS A 52 -7.87 6.99 -6.10
N ASP A 53 -7.18 8.06 -5.71
CA ASP A 53 -6.59 8.99 -6.66
C ASP A 53 -5.41 8.37 -7.41
N ALA A 54 -4.64 7.55 -6.71
CA ALA A 54 -3.52 6.84 -7.32
C ALA A 54 -4.02 5.80 -8.32
N GLY A 55 -5.21 5.28 -8.07
CA GLY A 55 -5.79 4.29 -8.95
C GLY A 55 -5.33 2.89 -8.61
N VAL A 56 -5.31 2.57 -7.32
CA VAL A 56 -4.93 1.22 -6.88
C VAL A 56 -6.03 0.65 -5.97
N LEU A 57 -7.03 1.47 -5.68
CA LEU A 57 -8.06 1.10 -4.73
C LEU A 57 -9.27 0.42 -5.39
N ASP A 58 -9.63 0.90 -6.57
CA ASP A 58 -10.86 0.44 -7.21
C ASP A 58 -10.59 -0.15 -8.58
N ASN A 59 -10.35 0.72 -9.56
CA ASN A 59 -10.06 0.30 -10.92
C ASN A 59 -11.18 -0.57 -11.51
N LYS A 60 -12.37 -0.52 -10.90
CA LYS A 60 -13.55 -1.28 -11.34
C LYS A 60 -13.41 -2.76 -11.00
N ALA A 61 -12.26 -3.34 -11.30
CA ALA A 61 -12.01 -4.75 -11.08
C ALA A 61 -11.90 -5.08 -9.60
N ILE A 62 -11.46 -4.12 -8.79
CA ILE A 62 -11.28 -4.36 -7.37
C ILE A 62 -12.60 -4.16 -6.64
N THR A 63 -12.93 -5.09 -5.74
CA THR A 63 -14.23 -5.10 -5.10
C THR A 63 -14.18 -4.47 -3.73
N GLY A 64 -15.21 -3.69 -3.42
CA GLY A 64 -15.31 -3.03 -2.13
C GLY A 64 -15.33 -4.01 -0.97
N THR A 65 -15.70 -5.25 -1.25
CA THR A 65 -15.73 -6.27 -0.22
C THR A 65 -14.31 -6.74 0.11
N MET A 66 -13.46 -6.89 -0.90
CA MET A 66 -12.09 -7.33 -0.68
C MET A 66 -11.28 -6.26 0.03
N THR A 67 -11.29 -5.05 -0.53
CA THR A 67 -10.58 -3.93 0.06
C THR A 67 -11.15 -3.59 1.44
N GLY A 68 -12.48 -3.69 1.57
CA GLY A 68 -13.12 -3.41 2.85
C GLY A 68 -12.67 -4.37 3.94
N ILE A 69 -12.62 -5.66 3.62
CA ILE A 69 -12.17 -6.66 4.57
C ILE A 69 -10.69 -6.45 4.91
N ALA A 70 -9.90 -6.14 3.89
CA ALA A 70 -8.48 -5.88 4.10
C ALA A 70 -8.28 -4.70 5.04
N PHE A 71 -9.02 -3.62 4.80
CA PHE A 71 -8.97 -2.44 5.66
C PHE A 71 -9.39 -2.79 7.09
N SER A 72 -10.44 -3.59 7.22
CA SER A 72 -10.92 -4.01 8.53
C SER A 72 -9.83 -4.78 9.30
N LYS A 73 -8.93 -5.43 8.57
CA LYS A 73 -7.86 -6.20 9.19
C LYS A 73 -6.67 -5.30 9.56
N VAL A 74 -6.31 -4.38 8.68
CA VAL A 74 -5.17 -3.51 8.91
C VAL A 74 -5.40 -2.57 10.10
N THR A 75 -6.65 -2.20 10.32
CA THR A 75 -7.01 -1.37 11.45
C THR A 75 -7.42 -2.23 12.64
N GLY A 76 -8.60 -2.79 12.57
CA GLY A 76 -9.08 -3.68 13.61
C GLY A 76 -9.72 -2.95 14.77
N PRO A 77 -9.05 -2.91 15.93
CA PRO A 77 -9.58 -2.31 17.15
C PRO A 77 -9.71 -0.78 17.08
N LYS A 78 -10.09 -0.20 18.20
CA LYS A 78 -10.34 1.24 18.31
C LYS A 78 -9.10 2.08 18.00
N LYS A 79 -7.93 1.57 18.38
CA LYS A 79 -6.69 2.35 18.35
C LYS A 79 -6.53 3.19 17.09
N LYS A 80 -6.27 2.55 15.95
CA LYS A 80 -6.12 3.24 14.64
C LYS A 80 -5.62 2.27 13.58
N ALA A 81 -4.36 2.45 13.17
CA ALA A 81 -3.75 1.62 12.15
C ALA A 81 -2.26 1.83 12.18
N THR A 82 -1.59 0.80 12.61
CA THR A 82 -0.15 0.80 12.78
C THR A 82 0.57 0.69 11.43
N PHE A 83 1.90 0.72 11.46
CA PHE A 83 2.73 0.67 10.25
C PHE A 83 2.40 -0.58 9.41
N ASP A 84 2.01 -1.65 10.08
CA ASP A 84 1.62 -2.90 9.43
C ASP A 84 0.45 -2.70 8.46
N GLU A 85 -0.40 -1.73 8.78
CA GLU A 85 -1.59 -1.41 7.98
C GLU A 85 -1.24 -1.29 6.50
N THR A 86 -0.41 -0.31 6.17
CA THR A 86 -0.14 0.03 4.78
C THR A 86 0.45 -1.15 4.01
N LYS A 87 1.38 -1.89 4.63
CA LYS A 87 2.02 -2.99 3.92
C LYS A 87 1.04 -4.14 3.68
N LYS A 88 0.15 -4.37 4.62
CA LYS A 88 -0.84 -5.43 4.48
C LYS A 88 -1.84 -5.11 3.39
N VAL A 89 -2.57 -4.02 3.56
CA VAL A 89 -3.68 -3.68 2.69
C VAL A 89 -3.23 -3.45 1.25
N LEU A 90 -2.06 -2.81 1.10
CA LEU A 90 -1.53 -2.51 -0.22
C LEU A 90 -1.06 -3.79 -0.92
N ALA A 91 -0.52 -4.72 -0.15
CA ALA A 91 -0.08 -6.00 -0.70
C ALA A 91 -1.29 -6.87 -1.06
N PHE A 92 -2.26 -6.91 -0.17
CA PHE A 92 -3.46 -7.73 -0.37
C PHE A 92 -4.22 -7.33 -1.64
N VAL A 93 -4.44 -6.03 -1.83
CA VAL A 93 -5.15 -5.56 -3.01
C VAL A 93 -4.36 -5.88 -4.28
N ALA A 94 -3.07 -5.61 -4.24
CA ALA A 94 -2.20 -5.93 -5.38
C ALA A 94 -2.20 -7.41 -5.69
N GLU A 95 -1.99 -8.23 -4.66
CA GLU A 95 -1.85 -9.68 -4.83
C GLU A 95 -3.12 -10.31 -5.37
N ASP A 96 -4.26 -9.91 -4.82
CA ASP A 96 -5.55 -10.47 -5.22
C ASP A 96 -5.84 -10.15 -6.68
N ARG A 97 -5.44 -8.96 -7.10
CA ARG A 97 -5.59 -8.56 -8.49
C ARG A 97 -4.54 -9.25 -9.36
N ALA A 98 -3.30 -9.23 -8.89
CA ALA A 98 -2.17 -9.80 -9.61
C ALA A 98 -2.41 -11.27 -9.96
N ARG A 99 -2.69 -12.10 -8.96
CA ARG A 99 -2.77 -13.54 -9.17
C ARG A 99 -3.97 -13.92 -10.05
N GLN A 100 -4.99 -13.07 -10.08
CA GLN A 100 -6.15 -13.31 -10.94
C GLN A 100 -5.86 -12.92 -12.39
N SER A 101 -4.96 -11.97 -12.56
CA SER A 101 -4.63 -11.48 -13.89
C SER A 101 -3.36 -12.16 -14.41
N LYS A 102 -2.24 -11.89 -13.78
CA LYS A 102 -0.97 -12.47 -14.18
C LYS A 102 -0.59 -13.63 -13.27
N LYS A 103 -0.12 -13.30 -12.06
CA LYS A 103 0.17 -14.29 -11.01
C LYS A 103 0.95 -13.66 -9.84
N PRO A 104 2.16 -13.10 -10.08
CA PRO A 104 3.04 -12.65 -9.00
C PRO A 104 2.67 -11.28 -8.42
N ILE A 105 2.60 -11.22 -7.10
CA ILE A 105 2.33 -9.98 -6.38
C ILE A 105 3.55 -9.06 -6.42
N GLN A 106 4.73 -9.63 -6.21
CA GLN A 106 5.94 -8.84 -6.17
C GLN A 106 6.17 -8.14 -7.50
N ASP A 107 5.92 -8.85 -8.59
CA ASP A 107 6.01 -8.26 -9.93
C ASP A 107 5.00 -7.13 -10.08
N GLU A 108 3.81 -7.33 -9.54
CA GLU A 108 2.74 -6.35 -9.64
C GLU A 108 3.10 -5.10 -8.85
N LEU A 109 3.54 -5.28 -7.60
CA LEU A 109 3.93 -4.15 -6.76
C LEU A 109 5.16 -3.47 -7.34
N ASP A 110 6.07 -4.26 -7.87
CA ASP A 110 7.27 -3.74 -8.52
C ASP A 110 6.88 -2.83 -9.67
N ALA A 111 5.94 -3.29 -10.48
CA ALA A 111 5.41 -2.51 -11.58
C ALA A 111 4.80 -1.20 -11.07
N ILE A 112 3.92 -1.31 -10.08
CA ILE A 112 3.29 -0.14 -9.48
C ILE A 112 4.35 0.85 -9.00
N THR A 113 5.33 0.34 -8.26
CA THR A 113 6.37 1.16 -7.67
C THR A 113 7.22 1.86 -8.74
N GLU A 114 7.60 1.13 -9.78
CA GLU A 114 8.43 1.69 -10.83
C GLU A 114 7.62 2.65 -11.71
N LYS A 115 6.37 2.32 -11.99
CA LYS A 115 5.50 3.20 -12.79
C LYS A 115 5.38 4.57 -12.14
N LEU A 116 5.30 4.61 -10.82
CA LEU A 116 5.20 5.87 -10.09
C LEU A 116 6.49 6.67 -10.20
N ALA A 117 7.61 5.98 -10.09
CA ALA A 117 8.93 6.59 -10.27
C ALA A 117 9.07 7.06 -11.71
N LYS A 118 8.56 6.24 -12.61
CA LYS A 118 8.58 6.50 -14.04
C LYS A 118 7.59 7.58 -14.41
N LEU A 119 6.67 7.88 -13.48
CA LEU A 119 5.68 8.95 -13.67
C LEU A 119 6.33 10.31 -13.47
N GLU A 120 7.63 10.38 -13.72
CA GLU A 120 8.43 11.59 -13.55
C GLU A 120 8.60 11.93 -12.07
N ASN A 18 9.71 10.30 -3.83
CA ASN A 18 9.11 9.66 -4.98
C ASN A 18 9.22 8.17 -4.81
N TRP A 19 8.08 7.54 -4.64
CA TRP A 19 7.99 6.11 -4.34
C TRP A 19 8.71 5.25 -5.37
N ASP A 20 9.97 4.99 -5.09
CA ASP A 20 10.85 4.21 -5.94
C ASP A 20 11.06 2.83 -5.32
N ASP A 21 11.60 1.90 -6.10
CA ASP A 21 11.99 0.57 -5.60
C ASP A 21 12.63 0.66 -4.22
N ALA A 22 13.56 1.59 -4.09
CA ALA A 22 14.30 1.79 -2.86
C ALA A 22 13.53 2.72 -1.91
N ASP A 23 12.95 3.77 -2.48
CA ASP A 23 12.29 4.82 -1.69
C ASP A 23 11.07 4.27 -0.93
N VAL A 24 10.28 3.44 -1.59
CA VAL A 24 9.12 2.83 -0.93
C VAL A 24 9.58 2.02 0.27
N LYS A 25 10.64 1.24 0.08
CA LYS A 25 11.13 0.34 1.11
C LYS A 25 11.80 1.11 2.24
N LYS A 26 12.44 2.24 1.95
CA LYS A 26 13.03 3.07 3.00
C LYS A 26 11.93 3.68 3.86
N ARG A 27 10.86 4.13 3.21
CA ARG A 27 9.71 4.68 3.93
C ARG A 27 9.02 3.60 4.75
N TRP A 28 8.81 2.43 4.15
CA TRP A 28 8.25 1.28 4.87
C TRP A 28 9.12 0.92 6.06
N ASP A 29 10.42 0.94 5.84
CA ASP A 29 11.41 0.63 6.86
C ASP A 29 11.26 1.58 8.05
N ALA A 30 11.09 2.87 7.74
CA ALA A 30 10.93 3.90 8.77
C ALA A 30 9.86 3.52 9.79
N PHE A 31 8.73 3.01 9.31
CA PHE A 31 7.65 2.57 10.19
C PHE A 31 8.12 1.47 11.14
N THR A 32 8.53 0.34 10.59
CA THR A 32 8.82 -0.84 11.39
C THR A 32 10.09 -0.66 12.25
N LYS A 33 11.12 -0.05 11.68
CA LYS A 33 12.40 0.07 12.36
C LYS A 33 12.41 1.23 13.35
N PHE A 34 11.93 2.38 12.92
CA PHE A 34 11.95 3.58 13.76
C PHE A 34 10.60 3.78 14.44
N GLY A 35 9.57 3.89 13.64
CA GLY A 35 8.23 4.13 14.15
C GLY A 35 7.34 4.73 13.08
N ALA A 36 7.87 5.75 12.41
CA ALA A 36 7.21 6.41 11.29
C ALA A 36 7.97 7.68 10.94
N ALA A 37 7.95 8.06 9.68
CA ALA A 37 8.55 9.30 9.26
C ALA A 37 7.59 10.45 9.56
N THR A 38 6.39 10.35 9.03
CA THR A 38 5.32 11.28 9.35
C THR A 38 3.96 10.60 9.15
N ALA A 39 3.52 9.93 10.20
CA ALA A 39 2.24 9.22 10.16
C ALA A 39 1.74 8.96 11.58
N THR A 40 1.24 10.01 12.21
CA THR A 40 0.73 9.91 13.57
C THR A 40 -0.68 9.34 13.56
N GLU A 41 -1.35 9.44 12.42
CA GLU A 41 -2.70 8.93 12.26
C GLU A 41 -2.85 8.34 10.85
N MET A 42 -3.64 7.29 10.74
CA MET A 42 -3.96 6.71 9.44
C MET A 42 -5.38 6.21 9.43
N THR A 43 -6.29 7.09 9.07
CA THR A 43 -7.71 6.78 9.07
C THR A 43 -8.13 6.16 7.74
N GLY A 44 -9.26 5.46 7.76
CA GLY A 44 -9.71 4.67 6.62
C GLY A 44 -9.82 5.46 5.32
N LYS A 45 -10.46 6.62 5.37
CA LYS A 45 -10.71 7.39 4.16
C LYS A 45 -9.44 8.04 3.65
N ASN A 46 -8.57 8.45 4.56
CA ASN A 46 -7.29 9.06 4.18
C ASN A 46 -6.37 8.00 3.58
N PHE A 47 -6.44 6.79 4.11
CA PHE A 47 -5.69 5.67 3.54
C PHE A 47 -6.29 5.30 2.18
N ASP A 48 -7.62 5.40 2.09
CA ASP A 48 -8.34 5.20 0.84
C ASP A 48 -7.87 6.21 -0.22
N LYS A 49 -7.41 7.36 0.24
CA LYS A 49 -6.94 8.40 -0.67
C LYS A 49 -5.61 7.99 -1.26
N TRP A 50 -4.72 7.53 -0.40
CA TRP A 50 -3.43 7.03 -0.81
C TRP A 50 -3.59 5.86 -1.78
N LEU A 51 -4.61 5.04 -1.54
CA LEU A 51 -4.83 3.86 -2.36
C LEU A 51 -5.52 4.21 -3.69
N LYS A 52 -6.66 4.88 -3.58
CA LYS A 52 -7.51 5.15 -4.74
C LYS A 52 -6.90 6.20 -5.67
N ASP A 53 -6.40 7.29 -5.11
CA ASP A 53 -5.97 8.42 -5.93
C ASP A 53 -4.63 8.13 -6.60
N ALA A 54 -3.88 7.19 -6.03
CA ALA A 54 -2.62 6.75 -6.62
C ALA A 54 -2.89 5.86 -7.83
N GLY A 55 -3.97 5.08 -7.75
CA GLY A 55 -4.32 4.20 -8.84
C GLY A 55 -4.23 2.73 -8.45
N VAL A 56 -4.14 2.47 -7.15
CA VAL A 56 -4.06 1.10 -6.66
C VAL A 56 -5.45 0.60 -6.30
N LEU A 57 -6.17 1.40 -5.53
CA LEU A 57 -7.54 1.06 -5.16
C LEU A 57 -8.49 1.48 -6.28
N ASP A 58 -8.66 0.58 -7.23
CA ASP A 58 -9.48 0.84 -8.41
C ASP A 58 -10.98 0.72 -8.05
N ASN A 59 -11.27 -0.22 -7.17
CA ASN A 59 -12.64 -0.54 -6.73
C ASN A 59 -13.45 -1.20 -7.83
N LYS A 60 -13.41 -0.66 -9.04
CA LYS A 60 -14.10 -1.26 -10.17
C LYS A 60 -13.52 -2.63 -10.49
N ALA A 61 -12.23 -2.65 -10.80
CA ALA A 61 -11.54 -3.90 -11.10
C ALA A 61 -11.02 -4.57 -9.84
N ILE A 62 -11.19 -3.90 -8.71
CA ILE A 62 -10.70 -4.43 -7.44
C ILE A 62 -11.84 -5.04 -6.64
N THR A 63 -11.62 -6.25 -6.15
CA THR A 63 -12.64 -6.98 -5.44
C THR A 63 -12.76 -6.51 -4.01
N GLY A 64 -13.86 -5.84 -3.70
CA GLY A 64 -14.08 -5.28 -2.38
C GLY A 64 -14.24 -6.34 -1.32
N THR A 65 -14.52 -7.56 -1.76
CA THR A 65 -14.66 -8.69 -0.85
C THR A 65 -13.31 -9.09 -0.27
N MET A 66 -12.33 -9.25 -1.14
CA MET A 66 -10.99 -9.67 -0.73
C MET A 66 -10.26 -8.51 -0.05
N THR A 67 -10.29 -7.36 -0.70
CA THR A 67 -9.57 -6.20 -0.22
C THR A 67 -10.21 -5.64 1.04
N GLY A 68 -11.53 -5.65 1.11
CA GLY A 68 -12.24 -5.15 2.27
C GLY A 68 -11.84 -5.85 3.55
N ILE A 69 -11.69 -7.17 3.47
CA ILE A 69 -11.24 -7.96 4.61
C ILE A 69 -9.78 -7.63 4.93
N ALA A 70 -8.98 -7.47 3.88
CA ALA A 70 -7.57 -7.11 4.03
C ALA A 70 -7.45 -5.80 4.80
N PHE A 71 -8.13 -4.76 4.32
CA PHE A 71 -8.10 -3.44 4.94
C PHE A 71 -8.52 -3.53 6.41
N SER A 72 -9.58 -4.26 6.69
CA SER A 72 -10.13 -4.35 8.03
C SER A 72 -9.20 -5.13 8.96
N LYS A 73 -8.55 -6.17 8.45
CA LYS A 73 -7.62 -6.97 9.24
C LYS A 73 -6.34 -6.18 9.53
N VAL A 74 -6.00 -5.31 8.59
CA VAL A 74 -4.87 -4.41 8.74
C VAL A 74 -5.17 -3.32 9.76
N THR A 75 -6.18 -2.52 9.49
CA THR A 75 -6.49 -1.39 10.35
C THR A 75 -7.17 -1.84 11.64
N GLY A 76 -8.46 -2.14 11.55
CA GLY A 76 -9.23 -2.47 12.73
C GLY A 76 -9.75 -1.21 13.38
N PRO A 77 -9.09 -0.71 14.43
CA PRO A 77 -9.37 0.60 14.99
C PRO A 77 -9.11 1.72 13.98
N LYS A 78 -9.71 2.87 14.22
CA LYS A 78 -9.62 4.00 13.31
C LYS A 78 -8.28 4.72 13.45
N LYS A 79 -7.57 4.41 14.53
CA LYS A 79 -6.33 5.12 14.88
C LYS A 79 -5.32 5.15 13.73
N LYS A 80 -4.87 3.98 13.30
CA LYS A 80 -3.77 3.89 12.35
C LYS A 80 -3.66 2.49 11.78
N ALA A 81 -2.88 2.37 10.72
CA ALA A 81 -2.49 1.10 10.16
C ALA A 81 -1.02 0.91 10.47
N THR A 82 -0.77 0.27 11.59
CA THR A 82 0.57 0.11 12.12
C THR A 82 1.52 -0.65 11.17
N PHE A 83 2.75 -0.87 11.63
CA PHE A 83 3.90 -1.23 10.79
C PHE A 83 3.62 -2.37 9.80
N ASP A 84 3.48 -3.59 10.30
CA ASP A 84 3.34 -4.75 9.42
C ASP A 84 1.96 -4.76 8.77
N GLU A 85 0.99 -4.20 9.47
CA GLU A 85 -0.37 -4.00 8.97
C GLU A 85 -0.35 -3.34 7.58
N THR A 86 0.32 -2.19 7.47
CA THR A 86 0.42 -1.49 6.19
C THR A 86 1.07 -2.37 5.12
N LYS A 87 2.07 -3.13 5.54
CA LYS A 87 2.74 -4.07 4.65
C LYS A 87 1.77 -5.18 4.21
N LYS A 88 0.94 -5.64 5.14
CA LYS A 88 -0.04 -6.67 4.85
C LYS A 88 -1.03 -6.20 3.77
N VAL A 89 -1.66 -5.06 4.01
CA VAL A 89 -2.75 -4.59 3.14
C VAL A 89 -2.26 -4.38 1.71
N LEU A 90 -1.11 -3.74 1.55
CA LEU A 90 -0.60 -3.46 0.22
C LEU A 90 -0.26 -4.76 -0.51
N ALA A 91 0.17 -5.76 0.25
CA ALA A 91 0.46 -7.07 -0.32
C ALA A 91 -0.83 -7.80 -0.70
N PHE A 92 -1.81 -7.81 0.20
CA PHE A 92 -3.08 -8.50 -0.04
C PHE A 92 -3.84 -7.90 -1.21
N VAL A 93 -3.90 -6.57 -1.26
CA VAL A 93 -4.59 -5.88 -2.35
C VAL A 93 -3.92 -6.19 -3.68
N ALA A 94 -2.59 -6.13 -3.71
CA ALA A 94 -1.84 -6.45 -4.90
C ALA A 94 -2.04 -7.90 -5.30
N GLU A 95 -2.02 -8.78 -4.31
CA GLU A 95 -2.21 -10.22 -4.53
C GLU A 95 -3.52 -10.52 -5.27
N ASP A 96 -4.62 -9.93 -4.80
CA ASP A 96 -5.93 -10.16 -5.42
C ASP A 96 -5.93 -9.66 -6.87
N ARG A 97 -5.49 -8.43 -7.06
CA ARG A 97 -5.39 -7.82 -8.38
C ARG A 97 -4.47 -8.64 -9.29
N ALA A 98 -3.35 -9.07 -8.73
CA ALA A 98 -2.36 -9.84 -9.48
C ALA A 98 -2.93 -11.17 -9.97
N ARG A 99 -3.48 -11.95 -9.05
CA ARG A 99 -4.02 -13.27 -9.38
C ARG A 99 -5.20 -13.15 -10.34
N GLN A 100 -5.88 -12.02 -10.31
CA GLN A 100 -6.99 -11.77 -11.21
C GLN A 100 -6.49 -11.36 -12.60
N SER A 101 -5.51 -10.47 -12.64
CA SER A 101 -4.97 -9.97 -13.89
C SER A 101 -4.09 -11.02 -14.55
N LYS A 102 -2.88 -11.21 -14.02
CA LYS A 102 -1.96 -12.19 -14.57
C LYS A 102 -1.95 -13.45 -13.71
N LYS A 103 -1.27 -13.35 -12.56
CA LYS A 103 -1.20 -14.43 -11.55
C LYS A 103 -0.15 -14.12 -10.47
N PRO A 104 1.05 -13.57 -10.79
CA PRO A 104 2.09 -13.30 -9.81
C PRO A 104 1.89 -11.96 -9.12
N ILE A 105 1.90 -11.97 -7.80
CA ILE A 105 1.64 -10.78 -7.02
C ILE A 105 2.77 -9.75 -7.18
N GLN A 106 4.00 -10.24 -7.23
CA GLN A 106 5.16 -9.37 -7.39
C GLN A 106 5.04 -8.58 -8.70
N ASP A 107 4.72 -9.28 -9.78
CA ASP A 107 4.63 -8.67 -11.11
C ASP A 107 3.67 -7.49 -11.11
N GLU A 108 2.51 -7.69 -10.50
CA GLU A 108 1.50 -6.64 -10.38
C GLU A 108 2.00 -5.50 -9.50
N LEU A 109 2.60 -5.85 -8.37
CA LEU A 109 3.10 -4.86 -7.42
C LEU A 109 4.23 -4.06 -8.05
N ASP A 110 5.01 -4.72 -8.88
CA ASP A 110 6.13 -4.10 -9.56
C ASP A 110 5.62 -2.95 -10.43
N ALA A 111 4.56 -3.21 -11.18
CA ALA A 111 3.94 -2.20 -12.01
C ALA A 111 3.38 -1.04 -11.16
N ILE A 112 2.87 -1.39 -9.98
CA ILE A 112 2.36 -0.39 -9.03
C ILE A 112 3.50 0.46 -8.49
N THR A 113 4.61 -0.20 -8.17
CA THR A 113 5.78 0.49 -7.65
C THR A 113 6.33 1.47 -8.69
N GLU A 114 6.43 1.00 -9.93
CA GLU A 114 6.86 1.85 -11.04
C GLU A 114 5.88 3.00 -11.23
N LYS A 115 4.60 2.69 -11.10
CA LYS A 115 3.53 3.66 -11.28
C LYS A 115 3.80 4.94 -10.49
N LEU A 116 4.06 4.79 -9.19
CA LEU A 116 4.26 5.95 -8.32
C LEU A 116 5.62 6.61 -8.56
N ALA A 117 6.61 5.80 -8.92
CA ALA A 117 7.93 6.31 -9.25
C ALA A 117 7.87 7.22 -10.48
N LYS A 118 7.09 6.79 -11.45
CA LYS A 118 6.89 7.57 -12.67
C LYS A 118 5.84 8.65 -12.46
N LEU A 119 5.05 8.49 -11.40
CA LEU A 119 4.08 9.50 -10.98
C LEU A 119 4.68 10.42 -9.92
N GLU A 120 6.02 10.61 -10.00
CA GLU A 120 6.80 11.35 -9.00
C GLU A 120 6.01 12.48 -8.37
#